data_7KIS
#
_entry.id   7KIS
#
_cell.length_a   82.018
_cell.length_b   75.924
_cell.length_c   97.299
_cell.angle_alpha   90.000
_cell.angle_beta   106.730
_cell.angle_gamma   90.000
#
_symmetry.space_group_name_H-M   'P 1 21 1'
#
loop_
_entity.id
_entity.type
_entity.pdbx_description
1 polymer 'Peptidoglycan D,D-transpeptidase MrdA'
2 non-polymer "(2S,5R)-1-formyl-N'-[(3R)-pyrrolidine-3-carbonyl]-5-[(sulfooxy)amino]piperidine-2-carbohydrazide"
3 non-polymer 'CHLORIDE ION'
4 water water
#
_entity_poly.entity_id   1
_entity_poly.type   'polypeptide(L)'
_entity_poly.pdbx_seq_one_letter_code
;MPQPIHLKDHEKDARLVRRRVIVGAVAVVLLTLVLVARMYHLQVTQYEYHSTLSENNRVHVQPIPPTRGIIFDRNGVIIA
DNRPSFSLTITRERTEDLQKTLDTLVEILGLTEDDRAIFEKRMKQGRRPFEPVPIMFELNEEQIARIAVNQFRLPGVDVA
TQFVRHYPLKEHFAHSVGYVGRINEQELKNLDPINYSGTHHIGKTGIERFYESELHGTVGYEEVETNARGRVLRVLKRTD
PIPGKDIVLSIDSRLQEAAENALAGRRGAIVAIQPSTGDVLAMVSQPSYDPNLFVTGISFKAYAELRDSIDRPLYNRVLR
GLYPPGSTVKPAVALAGLDAGVVTPTSRVFDPGYYQLPNYDHKYRNWNRYGDGWVSLESAIYRSNDTYFYDLAHKLGIDR
LHAFMSRFGFGQKVALDMFGEADGLMPSREWKRKTRRQVWYPGETLILGIGQGYMQATPIQLAQMTALLANKGHWIRPHL
AKTIDGQPPVDPDPMPDIVLRDPANWDRVDYGMQQVVHGARGTARKVGATSAYLIAGKSGTAQVVAIKQNERYDRSKLLE
RHRDHALFVGFAPANNPQIAVAVMVENGESGSGVAAPVVKQVMDAWLLDEHGKLKAEYAEPVAPLAAAVAKPEPTAAEPE
APALEQ
;
_entity_poly.pdbx_strand_id   A,B
#
loop_
_chem_comp.id
_chem_comp.type
_chem_comp.name
_chem_comp.formula
C9D non-polymer (2S,5R)-1-formyl-N'-[(3R)-pyrrolidine-3-carbonyl]-5-[(sulfooxy)amino]piperidine-2-carbohydrazide 'C12 H21 N5 O7 S'
CL non-polymer 'CHLORIDE ION' 'Cl -1'
#
# COMPACT_ATOMS: atom_id res chain seq x y z
N HIS A 60 4.48 21.36 -44.65
CA HIS A 60 4.13 19.94 -44.67
C HIS A 60 4.08 19.38 -43.25
N VAL A 61 3.06 18.55 -42.98
CA VAL A 61 2.89 17.92 -41.67
C VAL A 61 3.38 16.47 -41.76
N GLN A 62 3.95 15.99 -40.66
CA GLN A 62 4.60 14.69 -40.63
C GLN A 62 4.47 14.09 -39.24
N PRO A 63 4.06 12.83 -39.12
CA PRO A 63 3.78 12.25 -37.81
C PRO A 63 5.03 11.89 -37.03
N ILE A 64 4.90 11.91 -35.71
CA ILE A 64 6.00 11.60 -34.79
C ILE A 64 5.60 10.44 -33.92
N PRO A 65 6.41 9.39 -33.79
CA PRO A 65 6.02 8.22 -33.01
C PRO A 65 6.17 8.50 -31.51
N PRO A 66 5.40 7.82 -30.67
CA PRO A 66 5.57 7.99 -29.22
C PRO A 66 6.63 7.06 -28.66
N THR A 67 7.15 7.44 -27.50
CA THR A 67 8.15 6.64 -26.81
C THR A 67 7.47 5.59 -25.94
N ARG A 68 8.00 4.37 -25.97
CA ARG A 68 7.41 3.29 -25.19
C ARG A 68 7.58 3.55 -23.70
N GLY A 69 6.58 3.14 -22.92
CA GLY A 69 6.61 3.38 -21.49
C GLY A 69 7.71 2.58 -20.81
N ILE A 70 8.32 3.20 -19.81
CA ILE A 70 9.40 2.56 -19.05
C ILE A 70 8.80 1.51 -18.11
N ILE A 71 9.54 0.44 -17.87
CA ILE A 71 9.13 -0.64 -16.99
C ILE A 71 10.10 -0.70 -15.81
N PHE A 72 9.56 -0.65 -14.59
CA PHE A 72 10.33 -0.73 -13.37
C PHE A 72 9.94 -1.98 -12.59
N ASP A 73 10.82 -2.39 -11.68
CA ASP A 73 10.49 -3.43 -10.71
C ASP A 73 9.79 -2.79 -9.52
N ARG A 74 9.53 -3.58 -8.47
CA ARG A 74 8.80 -3.04 -7.33
C ARG A 74 9.63 -2.04 -6.53
N ASN A 75 10.96 -2.05 -6.69
CA ASN A 75 11.84 -1.12 -5.99
C ASN A 75 12.39 -0.04 -6.91
N GLY A 76 11.93 0.02 -8.16
CA GLY A 76 12.30 1.08 -9.07
C GLY A 76 13.49 0.82 -9.97
N VAL A 77 14.10 -0.36 -9.92
CA VAL A 77 15.16 -0.66 -10.88
C VAL A 77 14.52 -0.83 -12.26
N ILE A 78 15.14 -0.24 -13.27
CA ILE A 78 14.54 -0.20 -14.59
C ILE A 78 14.70 -1.55 -15.29
N ILE A 79 13.60 -2.03 -15.87
CA ILE A 79 13.54 -3.32 -16.53
C ILE A 79 13.57 -3.15 -18.06
N ALA A 80 13.08 -2.01 -18.55
CA ALA A 80 13.01 -1.77 -19.99
C ALA A 80 13.19 -0.29 -20.30
N ASP A 81 14.30 0.05 -20.96
CA ASP A 81 14.53 1.41 -21.42
C ASP A 81 14.27 1.52 -22.91
N ASN A 82 14.60 2.68 -23.47
CA ASN A 82 14.63 2.89 -24.91
C ASN A 82 15.99 3.47 -25.26
N ARG A 83 16.64 2.89 -26.26
CA ARG A 83 17.96 3.40 -26.58
C ARG A 83 17.94 4.08 -27.95
N PRO A 84 18.78 5.10 -28.15
CA PRO A 84 18.78 5.84 -29.41
C PRO A 84 19.52 5.09 -30.51
N SER A 85 18.84 4.86 -31.62
CA SER A 85 19.44 4.36 -32.85
C SER A 85 19.10 5.32 -33.98
N PHE A 86 19.79 5.15 -35.11
CA PHE A 86 19.71 6.11 -36.21
C PHE A 86 19.38 5.40 -37.51
N SER A 87 18.70 6.14 -38.39
CA SER A 87 18.34 5.67 -39.74
C SER A 87 17.58 4.34 -39.68
N GLN A 162 15.46 6.94 -34.33
CA GLN A 162 14.46 5.97 -33.88
C GLN A 162 14.95 5.20 -32.66
N PHE A 163 14.07 5.03 -31.68
CA PHE A 163 14.43 4.36 -30.44
C PHE A 163 14.23 2.86 -30.56
N VAL A 164 15.14 2.11 -29.96
CA VAL A 164 15.03 0.67 -29.81
C VAL A 164 14.72 0.38 -28.35
N ARG A 165 13.96 -0.68 -28.10
CA ARG A 165 13.69 -1.08 -26.73
C ARG A 165 14.86 -1.88 -26.19
N HIS A 166 15.19 -1.65 -24.93
CA HIS A 166 16.36 -2.23 -24.30
C HIS A 166 15.96 -2.91 -23.00
N TYR A 167 16.49 -4.11 -22.77
CA TYR A 167 16.21 -4.90 -21.58
C TYR A 167 17.51 -5.06 -20.81
N PRO A 168 17.80 -4.15 -19.87
CA PRO A 168 19.13 -4.13 -19.25
C PRO A 168 19.42 -5.32 -18.34
N LEU A 169 18.43 -6.15 -18.03
CA LEU A 169 18.65 -7.34 -17.23
C LEU A 169 18.56 -8.61 -18.06
N LYS A 170 18.21 -8.52 -19.34
CA LYS A 170 18.36 -9.60 -20.32
C LYS A 170 17.54 -10.81 -19.88
N GLU A 171 18.15 -11.98 -19.66
CA GLU A 171 17.42 -13.23 -19.53
C GLU A 171 16.61 -13.33 -18.25
N HIS A 172 16.88 -12.50 -17.25
CA HIS A 172 16.17 -12.60 -15.98
C HIS A 172 14.69 -12.24 -16.09
N PHE A 173 14.20 -11.86 -17.27
CA PHE A 173 12.80 -11.44 -17.39
C PHE A 173 12.16 -11.87 -18.72
N ALA A 174 12.73 -12.84 -19.41
CA ALA A 174 12.22 -13.18 -20.75
C ALA A 174 10.78 -13.65 -20.68
N HIS A 175 10.43 -14.41 -19.64
CA HIS A 175 9.08 -14.94 -19.51
C HIS A 175 8.17 -14.06 -18.66
N SER A 176 8.73 -13.22 -17.80
CA SER A 176 7.90 -12.28 -17.04
C SER A 176 7.49 -11.10 -17.91
N VAL A 177 8.45 -10.34 -18.41
CA VAL A 177 8.14 -9.14 -19.18
C VAL A 177 7.85 -9.48 -20.64
N GLY A 178 8.55 -10.45 -21.19
CA GLY A 178 8.46 -10.76 -22.60
C GLY A 178 9.40 -9.89 -23.40
N TYR A 179 9.05 -9.60 -24.64
CA TYR A 179 9.88 -8.75 -25.49
C TYR A 179 9.01 -8.12 -26.57
N VAL A 180 9.62 -7.25 -27.37
CA VAL A 180 8.98 -6.66 -28.53
C VAL A 180 9.79 -7.05 -29.76
N GLY A 181 9.17 -6.90 -30.93
CA GLY A 181 9.81 -7.21 -32.19
C GLY A 181 9.15 -6.42 -33.29
N ARG A 182 9.66 -6.60 -34.51
CA ARG A 182 9.10 -5.89 -35.65
C ARG A 182 7.66 -6.35 -35.88
N ILE A 183 6.90 -5.52 -36.59
CA ILE A 183 5.48 -5.78 -36.81
C ILE A 183 5.30 -6.59 -38.08
N ASN A 184 4.47 -7.63 -38.01
CA ASN A 184 4.38 -8.65 -39.04
C ASN A 184 3.33 -8.26 -40.10
N GLU A 185 3.00 -9.23 -40.96
CA GLU A 185 1.98 -9.01 -41.98
C GLU A 185 0.58 -8.97 -41.40
N GLN A 186 0.35 -9.69 -40.31
CA GLN A 186 -0.99 -9.92 -39.78
C GLN A 186 -1.42 -8.82 -38.80
N GLU A 187 -0.54 -8.43 -37.88
CA GLU A 187 -0.91 -7.46 -36.85
C GLU A 187 -0.96 -6.03 -37.37
N LEU A 188 -0.58 -5.78 -38.63
CA LEU A 188 -0.68 -4.42 -39.16
C LEU A 188 -2.10 -4.09 -39.59
N LYS A 189 -2.82 -5.07 -40.13
CA LYS A 189 -4.25 -4.88 -40.39
C LYS A 189 -5.09 -5.03 -39.12
N ASN A 190 -4.45 -5.09 -37.96
CA ASN A 190 -5.13 -5.12 -36.67
C ASN A 190 -4.53 -4.06 -35.75
N LEU A 191 -4.15 -2.92 -36.31
CA LEU A 191 -3.62 -1.81 -35.54
C LEU A 191 -3.95 -0.52 -36.27
N ASP A 192 -4.32 0.51 -35.50
CA ASP A 192 -4.58 1.86 -35.97
C ASP A 192 -3.47 2.40 -36.86
N PRO A 193 -3.73 2.64 -38.15
CA PRO A 193 -2.70 3.22 -39.01
C PRO A 193 -2.31 4.63 -38.62
N ILE A 194 -3.09 5.27 -37.75
CA ILE A 194 -2.86 6.64 -37.31
C ILE A 194 -1.94 6.60 -36.10
N ASN A 195 -2.40 5.95 -35.04
CA ASN A 195 -1.67 5.98 -33.78
C ASN A 195 -0.36 5.21 -33.87
N TYR A 196 -0.31 4.15 -34.68
CA TYR A 196 0.90 3.37 -34.84
C TYR A 196 1.73 3.79 -36.04
N SER A 197 1.42 4.93 -36.65
CA SER A 197 2.31 5.49 -37.66
C SER A 197 3.63 5.86 -37.04
N GLY A 198 4.73 5.50 -37.71
CA GLY A 198 6.06 5.67 -37.16
C GLY A 198 6.43 4.66 -36.10
N THR A 199 5.51 3.81 -35.67
CA THR A 199 5.78 2.74 -34.71
C THR A 199 5.95 1.45 -35.50
N HIS A 200 7.18 0.96 -35.57
CA HIS A 200 7.51 -0.21 -36.37
C HIS A 200 7.71 -1.47 -35.54
N HIS A 201 7.48 -1.40 -34.22
CA HIS A 201 7.66 -2.53 -33.33
C HIS A 201 6.40 -2.68 -32.47
N ILE A 202 6.19 -3.89 -31.96
CA ILE A 202 4.99 -4.22 -31.19
C ILE A 202 5.33 -5.26 -30.15
N GLY A 203 4.56 -5.28 -29.07
CA GLY A 203 4.76 -6.30 -28.05
C GLY A 203 4.47 -7.69 -28.60
N LYS A 204 5.31 -8.65 -28.20
CA LYS A 204 5.17 -10.02 -28.66
C LYS A 204 4.60 -10.93 -27.58
N THR A 205 5.18 -10.93 -26.39
CA THR A 205 4.68 -11.75 -25.30
C THR A 205 4.93 -11.02 -23.98
N GLY A 206 4.38 -11.58 -22.90
CA GLY A 206 4.58 -11.04 -21.57
C GLY A 206 3.89 -9.71 -21.34
N ILE A 207 4.49 -8.89 -20.47
CA ILE A 207 3.90 -7.62 -20.10
C ILE A 207 3.89 -6.64 -21.27
N GLU A 208 4.90 -6.69 -22.14
CA GLU A 208 4.95 -5.77 -23.28
C GLU A 208 3.69 -5.89 -24.13
N ARG A 209 3.19 -7.10 -24.31
CA ARG A 209 2.01 -7.34 -25.13
C ARG A 209 0.72 -7.02 -24.37
N PHE A 210 0.53 -7.65 -23.20
CA PHE A 210 -0.72 -7.48 -22.44
C PHE A 210 -1.06 -6.01 -22.24
N TYR A 211 -0.05 -5.19 -21.95
CA TYR A 211 -0.21 -3.76 -21.77
C TYR A 211 0.38 -2.97 -22.93
N GLU A 212 0.34 -3.53 -24.14
CA GLU A 212 0.86 -2.82 -25.31
C GLU A 212 0.12 -1.51 -25.54
N SER A 213 -1.19 -1.51 -25.33
CA SER A 213 -1.98 -0.29 -25.47
C SER A 213 -1.42 0.82 -24.57
N GLU A 214 -1.29 0.54 -23.27
CA GLU A 214 -0.83 1.56 -22.33
C GLU A 214 0.62 1.94 -22.58
N LEU A 215 1.47 0.95 -22.90
CA LEU A 215 2.88 1.23 -23.12
C LEU A 215 3.13 1.98 -24.42
N HIS A 216 2.19 1.95 -25.36
CA HIS A 216 2.41 2.57 -26.66
C HIS A 216 2.29 4.09 -26.57
N GLY A 217 1.08 4.60 -26.43
CA GLY A 217 0.83 6.01 -26.35
C GLY A 217 0.11 6.54 -27.58
N THR A 218 0.27 7.84 -27.81
CA THR A 218 -0.35 8.52 -28.95
C THR A 218 0.73 9.25 -29.72
N VAL A 219 0.53 9.36 -31.03
CA VAL A 219 1.49 10.02 -31.90
C VAL A 219 1.25 11.52 -31.91
N GLY A 220 2.31 12.27 -32.24
CA GLY A 220 2.22 13.69 -32.48
C GLY A 220 2.36 14.01 -33.96
N TYR A 221 2.39 15.31 -34.25
CA TYR A 221 2.47 15.78 -35.63
C TYR A 221 3.29 17.06 -35.70
N GLU A 222 4.26 17.08 -36.61
CA GLU A 222 5.07 18.28 -36.82
C GLU A 222 4.30 19.33 -37.62
N ARG A 238 3.79 22.10 -33.26
CA ARG A 238 4.17 20.72 -32.97
C ARG A 238 3.27 20.10 -31.90
N THR A 239 2.32 19.29 -32.34
CA THR A 239 1.55 18.48 -31.40
C THR A 239 2.46 17.42 -30.80
N ASP A 240 2.66 17.48 -29.48
CA ASP A 240 3.69 16.55 -29.05
C ASP A 240 3.08 15.21 -28.67
N PRO A 241 3.74 14.11 -29.03
CA PRO A 241 3.19 12.78 -28.70
C PRO A 241 3.24 12.53 -27.20
N ILE A 242 2.17 11.94 -26.68
CA ILE A 242 2.12 11.59 -25.26
C ILE A 242 2.82 10.24 -25.10
N PRO A 243 3.89 10.18 -24.33
CA PRO A 243 4.64 8.92 -24.19
C PRO A 243 3.80 7.83 -23.55
N GLY A 244 4.18 6.58 -23.83
CA GLY A 244 3.42 5.46 -23.30
C GLY A 244 3.43 5.45 -21.78
N LYS A 245 2.40 4.83 -21.22
CA LYS A 245 2.28 4.80 -19.77
C LYS A 245 3.34 3.89 -19.17
N ASP A 246 3.92 4.32 -18.06
CA ASP A 246 4.96 3.57 -17.39
C ASP A 246 4.34 2.56 -16.43
N ILE A 247 4.93 1.36 -16.40
CA ILE A 247 4.41 0.26 -15.61
C ILE A 247 5.44 -0.11 -14.55
N VAL A 248 4.97 -0.26 -13.32
CA VAL A 248 5.79 -0.73 -12.21
C VAL A 248 5.37 -2.16 -11.94
N LEU A 249 6.32 -3.09 -11.99
CA LEU A 249 5.98 -4.49 -11.80
C LEU A 249 6.04 -4.85 -10.32
N SER A 250 5.30 -5.90 -9.96
CA SER A 250 5.31 -6.39 -8.60
C SER A 250 6.56 -7.19 -8.28
N ILE A 251 7.29 -7.64 -9.30
CA ILE A 251 8.39 -8.57 -9.08
C ILE A 251 9.58 -7.82 -8.46
N ASP A 252 10.07 -8.35 -7.34
CA ASP A 252 11.37 -7.97 -6.82
C ASP A 252 12.41 -8.87 -7.46
N SER A 253 13.33 -8.27 -8.22
CA SER A 253 14.31 -9.06 -8.96
C SER A 253 15.49 -9.46 -8.11
N ARG A 254 15.60 -8.93 -6.89
CA ARG A 254 16.51 -9.52 -5.93
C ARG A 254 15.96 -10.84 -5.43
N LEU A 255 14.65 -11.05 -5.57
CA LEU A 255 14.01 -12.34 -5.37
C LEU A 255 13.91 -13.14 -6.67
N GLN A 256 13.75 -12.47 -7.81
CA GLN A 256 13.78 -13.18 -9.10
C GLN A 256 15.14 -13.80 -9.37
N GLU A 257 16.22 -13.09 -9.05
CA GLU A 257 17.56 -13.66 -9.24
C GLU A 257 17.84 -14.75 -8.22
N ALA A 258 17.42 -14.55 -6.97
CA ALA A 258 17.65 -15.56 -5.94
C ALA A 258 16.85 -16.82 -6.22
N ALA A 259 15.70 -16.69 -6.90
CA ALA A 259 14.90 -17.86 -7.26
C ALA A 259 15.59 -18.64 -8.38
N GLU A 260 16.06 -17.94 -9.42
CA GLU A 260 16.81 -18.62 -10.48
C GLU A 260 18.07 -19.27 -9.90
N ASN A 261 18.71 -18.59 -8.95
CA ASN A 261 19.86 -19.19 -8.27
C ASN A 261 19.43 -20.43 -7.48
N ALA A 262 18.26 -20.36 -6.83
CA ALA A 262 17.78 -21.50 -6.06
C ALA A 262 17.41 -22.68 -6.97
N LEU A 263 16.99 -22.40 -8.20
CA LEU A 263 16.70 -23.47 -9.14
C LEU A 263 17.97 -24.20 -9.58
N ALA A 264 19.11 -23.52 -9.51
CA ALA A 264 20.43 -24.12 -9.71
C ALA A 264 20.57 -24.74 -11.10
N GLY A 265 20.04 -24.06 -12.11
CA GLY A 265 20.19 -24.53 -13.48
C GLY A 265 19.21 -25.59 -13.91
N ARG A 266 18.41 -26.13 -13.00
CA ARG A 266 17.43 -27.14 -13.36
C ARG A 266 16.29 -26.51 -14.15
N ARG A 267 15.62 -27.34 -14.95
CA ARG A 267 14.47 -26.88 -15.71
C ARG A 267 13.24 -26.92 -14.81
N GLY A 268 12.40 -25.90 -14.92
CA GLY A 268 11.21 -25.86 -14.08
C GLY A 268 10.66 -24.44 -13.99
N ALA A 269 9.97 -24.18 -12.87
CA ALA A 269 9.29 -22.91 -12.68
C ALA A 269 9.16 -22.61 -11.19
N ILE A 270 9.26 -21.32 -10.86
CA ILE A 270 9.10 -20.83 -9.48
C ILE A 270 8.24 -19.58 -9.50
N VAL A 271 7.23 -19.54 -8.65
CA VAL A 271 6.30 -18.41 -8.56
C VAL A 271 6.14 -18.03 -7.09
N ALA A 272 6.43 -16.77 -6.77
CA ALA A 272 6.30 -16.26 -5.42
C ALA A 272 5.21 -15.20 -5.39
N ILE A 273 4.34 -15.27 -4.39
CA ILE A 273 3.18 -14.38 -4.28
C ILE A 273 3.12 -13.78 -2.89
N GLN A 274 2.84 -12.47 -2.82
CA GLN A 274 2.48 -11.83 -1.56
C GLN A 274 0.98 -12.03 -1.36
N PRO A 275 0.57 -12.88 -0.42
CA PRO A 275 -0.85 -13.27 -0.36
C PRO A 275 -1.81 -12.15 0.01
N SER A 276 -1.39 -11.18 0.82
CA SER A 276 -2.32 -10.12 1.24
C SER A 276 -2.62 -9.14 0.11
N THR A 277 -1.64 -8.87 -0.75
CA THR A 277 -1.81 -7.92 -1.83
C THR A 277 -2.01 -8.60 -3.19
N GLY A 278 -1.55 -9.84 -3.36
CA GLY A 278 -1.57 -10.48 -4.65
C GLY A 278 -0.41 -10.14 -5.55
N ASP A 279 0.54 -9.31 -5.08
CA ASP A 279 1.67 -8.93 -5.90
C ASP A 279 2.52 -10.14 -6.27
N VAL A 280 2.78 -10.32 -7.56
CA VAL A 280 3.66 -11.38 -8.02
C VAL A 280 5.10 -10.95 -7.73
N LEU A 281 5.63 -11.40 -6.59
CA LEU A 281 6.98 -11.02 -6.20
C LEU A 281 8.05 -11.69 -7.05
N ALA A 282 7.74 -12.85 -7.66
CA ALA A 282 8.70 -13.53 -8.51
C ALA A 282 7.94 -14.42 -9.48
N MET A 283 8.49 -14.53 -10.70
CA MET A 283 7.91 -15.35 -11.76
C MET A 283 9.07 -15.92 -12.57
N VAL A 284 9.41 -17.19 -12.31
CA VAL A 284 10.64 -17.80 -12.82
C VAL A 284 10.27 -18.97 -13.72
N SER A 285 10.84 -18.99 -14.92
CA SER A 285 10.75 -20.15 -15.81
C SER A 285 12.12 -20.41 -16.42
N GLN A 286 12.65 -21.62 -16.21
CA GLN A 286 13.99 -22.02 -16.61
C GLN A 286 13.92 -23.10 -17.70
N PRO A 287 14.82 -23.08 -18.69
CA PRO A 287 15.92 -22.11 -18.92
C PRO A 287 15.45 -20.77 -19.44
N SER A 288 16.39 -19.85 -19.70
CA SER A 288 16.06 -18.51 -20.14
C SER A 288 16.57 -18.27 -21.56
N TYR A 289 16.35 -17.03 -22.02
CA TYR A 289 16.87 -16.56 -23.29
C TYR A 289 16.99 -15.04 -23.20
N ASP A 290 17.83 -14.48 -24.07
CA ASP A 290 17.98 -13.02 -24.11
C ASP A 290 16.84 -12.41 -24.92
N PRO A 291 15.98 -11.58 -24.31
CA PRO A 291 14.92 -10.93 -25.09
C PRO A 291 15.43 -9.84 -26.02
N ASN A 292 16.69 -9.44 -25.91
CA ASN A 292 17.27 -8.40 -26.75
C ASN A 292 17.66 -8.92 -28.13
N LEU A 293 17.32 -10.16 -28.49
CA LEU A 293 17.60 -10.66 -29.82
C LEU A 293 16.40 -10.57 -30.75
N PHE A 294 15.19 -10.41 -30.22
CA PHE A 294 14.00 -10.26 -31.05
C PHE A 294 13.62 -8.80 -31.26
N VAL A 295 14.17 -7.87 -30.48
CA VAL A 295 13.76 -6.47 -30.58
C VAL A 295 14.12 -5.91 -31.95
N THR A 296 15.28 -6.29 -32.49
CA THR A 296 15.73 -5.80 -33.78
C THR A 296 15.41 -6.75 -34.91
N GLY A 297 15.05 -7.99 -34.58
CA GLY A 297 14.93 -9.07 -35.53
C GLY A 297 16.01 -10.09 -35.25
N ILE A 298 15.63 -11.32 -34.95
CA ILE A 298 16.59 -12.33 -34.52
C ILE A 298 17.03 -13.15 -35.72
N SER A 299 18.32 -13.46 -35.78
CA SER A 299 18.87 -14.29 -36.84
C SER A 299 18.17 -15.63 -36.87
N PHE A 300 17.79 -16.08 -38.07
CA PHE A 300 17.09 -17.35 -38.21
C PHE A 300 17.92 -18.51 -37.69
N LYS A 301 19.23 -18.30 -37.49
CA LYS A 301 20.08 -19.30 -36.85
C LYS A 301 19.90 -19.28 -35.33
N ALA A 302 20.09 -18.10 -34.71
CA ALA A 302 19.97 -17.99 -33.26
C ALA A 302 18.57 -18.34 -32.78
N TYR A 303 17.55 -18.14 -33.63
CA TYR A 303 16.21 -18.62 -33.29
C TYR A 303 16.19 -20.13 -33.21
N ALA A 304 16.88 -20.79 -34.14
CA ALA A 304 16.94 -22.25 -34.14
C ALA A 304 17.68 -22.77 -32.92
N GLU A 305 18.70 -22.03 -32.45
CA GLU A 305 19.39 -22.44 -31.23
C GLU A 305 18.43 -22.42 -30.04
N LEU A 306 17.41 -21.57 -30.10
CA LEU A 306 16.36 -21.55 -29.09
C LEU A 306 15.30 -22.60 -29.41
N ARG A 307 14.87 -22.64 -30.68
CA ARG A 307 13.78 -23.51 -31.07
C ARG A 307 14.20 -24.98 -31.05
N ASP A 308 15.40 -25.29 -31.54
CA ASP A 308 15.86 -26.67 -31.62
C ASP A 308 16.77 -27.05 -30.47
N SER A 309 16.46 -26.61 -29.25
CA SER A 309 17.02 -27.21 -28.05
C SER A 309 15.92 -27.93 -27.29
N ILE A 310 16.24 -29.12 -26.77
CA ILE A 310 15.22 -29.92 -26.10
C ILE A 310 14.96 -29.46 -24.68
N ASP A 311 15.76 -28.52 -24.16
CA ASP A 311 15.48 -27.91 -22.87
C ASP A 311 14.32 -26.92 -22.93
N ARG A 312 13.90 -26.55 -24.14
CA ARG A 312 12.79 -25.64 -24.40
C ARG A 312 12.95 -24.30 -23.70
N PRO A 313 13.89 -23.45 -24.12
CA PRO A 313 14.02 -22.13 -23.49
C PRO A 313 12.85 -21.21 -23.79
N LEU A 314 12.07 -21.52 -24.83
CA LEU A 314 10.90 -20.72 -25.20
C LEU A 314 9.64 -21.13 -24.48
N TYR A 315 9.68 -22.21 -23.69
CA TYR A 315 8.50 -22.72 -23.00
C TYR A 315 8.30 -21.92 -21.72
N ASN A 316 7.20 -21.17 -21.64
CA ASN A 316 6.82 -20.47 -20.42
C ASN A 316 6.14 -21.49 -19.51
N ARG A 317 6.95 -22.18 -18.69
CA ARG A 317 6.44 -23.25 -17.85
C ARG A 317 5.47 -22.76 -16.78
N VAL A 318 5.54 -21.48 -16.41
CA VAL A 318 4.61 -20.95 -15.42
C VAL A 318 3.21 -20.87 -15.98
N LEU A 319 3.07 -20.46 -17.24
CA LEU A 319 1.78 -20.16 -17.83
C LEU A 319 1.22 -21.28 -18.68
N ARG A 320 2.05 -21.95 -19.48
CA ARG A 320 1.61 -23.02 -20.36
C ARG A 320 2.19 -24.37 -19.97
N GLY A 321 2.84 -24.46 -18.82
CA GLY A 321 3.30 -25.75 -18.32
C GLY A 321 2.28 -26.36 -17.38
N LEU A 322 1.60 -27.41 -17.85
CA LEU A 322 0.51 -28.03 -17.12
C LEU A 322 0.98 -29.36 -16.55
N TYR A 323 0.85 -29.52 -15.23
CA TYR A 323 1.33 -30.71 -14.53
C TYR A 323 0.27 -31.20 -13.56
N PRO A 324 0.13 -32.51 -13.41
CA PRO A 324 -0.72 -33.04 -12.34
C PRO A 324 -0.20 -32.61 -10.99
N PRO A 325 -0.96 -31.82 -10.25
CA PRO A 325 -0.43 -31.19 -9.02
C PRO A 325 -0.04 -32.18 -7.94
N GLY A 326 -0.42 -33.45 -8.07
CA GLY A 326 0.01 -34.47 -7.13
C GLY A 326 -0.50 -34.23 -5.72
N SER A 327 0.33 -34.60 -4.75
CA SER A 327 -0.05 -34.51 -3.35
C SER A 327 -0.20 -33.08 -2.86
N THR A 328 0.24 -32.09 -3.63
CA THR A 328 0.19 -30.71 -3.17
C THR A 328 -1.25 -30.21 -2.99
N VAL A 329 -2.22 -30.81 -3.67
CA VAL A 329 -3.61 -30.37 -3.54
C VAL A 329 -4.28 -30.86 -2.26
N LYS A 330 -3.68 -31.81 -1.55
CA LYS A 330 -4.35 -32.45 -0.42
C LYS A 330 -4.87 -31.48 0.64
N PRO A 331 -4.20 -30.37 0.98
CA PRO A 331 -4.84 -29.41 1.88
C PRO A 331 -6.17 -28.89 1.35
N ALA A 332 -6.21 -28.50 0.08
CA ALA A 332 -7.46 -28.01 -0.50
C ALA A 332 -8.52 -29.10 -0.56
N VAL A 333 -8.10 -30.34 -0.84
CA VAL A 333 -9.06 -31.45 -0.83
C VAL A 333 -9.60 -31.68 0.57
N ALA A 334 -8.73 -31.56 1.59
CA ALA A 334 -9.19 -31.71 2.97
C ALA A 334 -10.22 -30.64 3.31
N LEU A 335 -10.00 -29.40 2.85
CA LEU A 335 -10.98 -28.35 3.09
C LEU A 335 -12.27 -28.61 2.34
N ALA A 336 -12.19 -29.28 1.18
CA ALA A 336 -13.40 -29.65 0.45
C ALA A 336 -14.23 -30.66 1.25
N GLY A 337 -13.56 -31.63 1.87
CA GLY A 337 -14.28 -32.60 2.68
C GLY A 337 -14.75 -32.02 4.00
N LEU A 338 -13.90 -31.21 4.63
CA LEU A 338 -14.27 -30.58 5.91
C LEU A 338 -15.46 -29.65 5.72
N ASP A 339 -15.52 -28.96 4.59
CA ASP A 339 -16.62 -28.04 4.35
C ASP A 339 -17.94 -28.79 4.15
N ALA A 340 -17.92 -29.86 3.37
CA ALA A 340 -19.14 -30.63 3.14
C ALA A 340 -19.64 -31.34 4.39
N GLY A 341 -18.75 -31.60 5.35
CA GLY A 341 -19.13 -32.32 6.55
C GLY A 341 -18.90 -33.82 6.48
N VAL A 342 -18.35 -34.33 5.38
CA VAL A 342 -18.09 -35.75 5.26
C VAL A 342 -16.93 -36.18 6.16
N VAL A 343 -16.05 -35.25 6.54
CA VAL A 343 -14.90 -35.52 7.40
C VAL A 343 -14.79 -34.37 8.38
N THR A 344 -14.46 -34.69 9.63
CA THR A 344 -14.29 -33.71 10.69
C THR A 344 -12.82 -33.67 11.12
N PRO A 345 -12.38 -32.58 11.78
CA PRO A 345 -10.95 -32.45 12.07
C PRO A 345 -10.35 -33.57 12.90
N THR A 346 -11.15 -34.30 13.68
CA THR A 346 -10.65 -35.40 14.47
C THR A 346 -11.04 -36.77 13.93
N SER A 347 -11.98 -36.83 13.00
CA SER A 347 -12.45 -38.11 12.47
C SER A 347 -11.28 -38.90 11.87
N ARG A 348 -11.17 -40.16 12.27
CA ARG A 348 -10.04 -41.01 11.95
C ARG A 348 -10.37 -42.02 10.84
N VAL A 349 -9.31 -42.53 10.22
CA VAL A 349 -9.38 -43.52 9.14
C VAL A 349 -8.19 -44.45 9.31
N PHE A 350 -8.45 -45.75 9.41
CA PHE A 350 -7.37 -46.71 9.51
C PHE A 350 -6.74 -46.95 8.14
N ASP A 351 -5.42 -46.83 8.07
CA ASP A 351 -4.69 -47.01 6.82
C ASP A 351 -3.97 -48.35 6.84
N PRO A 352 -4.50 -49.39 6.22
CA PRO A 352 -3.79 -50.66 6.09
C PRO A 352 -2.77 -50.70 4.97
N GLY A 353 -2.55 -49.57 4.28
CA GLY A 353 -1.69 -49.53 3.12
C GLY A 353 -2.41 -49.50 1.80
N TYR A 354 -3.74 -49.44 1.81
CA TYR A 354 -4.55 -49.46 0.59
C TYR A 354 -5.95 -48.99 0.95
N TYR A 355 -6.75 -48.72 -0.09
CA TYR A 355 -8.14 -48.37 0.06
C TYR A 355 -8.97 -49.05 -1.01
N GLN A 356 -10.12 -49.58 -0.61
CA GLN A 356 -11.06 -50.22 -1.53
C GLN A 356 -12.41 -49.53 -1.39
N LEU A 357 -13.02 -49.17 -2.52
CA LEU A 357 -14.38 -48.69 -2.47
C LEU A 357 -15.32 -49.87 -2.21
N PRO A 358 -16.47 -49.63 -1.56
CA PRO A 358 -17.27 -50.77 -1.06
C PRO A 358 -17.87 -51.68 -2.13
N ASN A 359 -17.42 -51.56 -3.39
CA ASN A 359 -17.96 -52.39 -4.45
C ASN A 359 -16.90 -53.35 -4.96
N TYR A 360 -15.78 -52.82 -5.41
CA TYR A 360 -14.72 -53.59 -6.05
C TYR A 360 -13.74 -54.17 -5.05
N ASP A 361 -13.10 -55.27 -5.45
CA ASP A 361 -11.99 -55.84 -4.69
C ASP A 361 -10.67 -55.19 -5.05
N HIS A 362 -10.66 -54.28 -6.02
CA HIS A 362 -9.43 -53.58 -6.42
C HIS A 362 -8.98 -52.64 -5.32
N LYS A 363 -7.67 -52.61 -5.08
CA LYS A 363 -7.06 -51.84 -4.01
C LYS A 363 -6.33 -50.62 -4.56
N TYR A 364 -6.63 -49.45 -4.01
CA TYR A 364 -5.93 -48.21 -4.33
C TYR A 364 -4.86 -47.99 -3.26
N ARG A 365 -3.60 -48.18 -3.64
CA ARG A 365 -2.53 -48.39 -2.67
C ARG A 365 -1.91 -47.08 -2.22
N ASN A 366 -1.44 -47.08 -0.97
CA ASN A 366 -0.77 -45.93 -0.38
C ASN A 366 0.69 -45.90 -0.81
N TRP A 367 1.29 -44.71 -0.77
CA TRP A 367 2.70 -44.60 -1.11
C TRP A 367 3.58 -45.36 -0.12
N ASN A 368 3.10 -45.57 1.10
CA ASN A 368 3.74 -46.49 2.04
C ASN A 368 2.93 -47.78 2.07
N ARG A 369 3.52 -48.85 1.54
CA ARG A 369 2.80 -50.10 1.33
C ARG A 369 2.22 -50.64 2.62
N TYR A 370 2.91 -50.47 3.75
CA TYR A 370 2.53 -51.13 4.99
C TYR A 370 1.58 -50.30 5.83
N GLY A 371 1.23 -49.09 5.40
CA GLY A 371 0.20 -48.32 6.05
C GLY A 371 0.73 -47.42 7.16
N ASP A 372 -0.08 -46.43 7.51
CA ASP A 372 0.25 -45.50 8.58
C ASP A 372 -0.61 -45.71 9.81
N GLY A 373 -1.49 -46.71 9.81
CA GLY A 373 -2.38 -46.92 10.93
C GLY A 373 -3.56 -45.95 10.89
N TRP A 374 -4.03 -45.59 12.09
CA TRP A 374 -5.09 -44.59 12.18
C TRP A 374 -4.54 -43.23 11.85
N VAL A 375 -5.18 -42.53 10.91
CA VAL A 375 -4.75 -41.20 10.50
C VAL A 375 -5.93 -40.25 10.60
N SER A 376 -5.64 -39.01 11.01
CA SER A 376 -6.60 -37.93 11.08
C SER A 376 -6.19 -36.86 10.07
N LEU A 377 -6.85 -35.71 10.14
CA LEU A 377 -6.57 -34.62 9.20
C LEU A 377 -5.10 -34.23 9.25
N GLU A 378 -4.57 -34.00 10.44
CA GLU A 378 -3.19 -33.54 10.54
C GLU A 378 -2.23 -34.66 10.15
N SER A 379 -2.43 -35.87 10.67
CA SER A 379 -1.58 -37.00 10.30
C SER A 379 -1.61 -37.22 8.79
N ALA A 380 -2.78 -37.04 8.16
CA ALA A 380 -2.88 -37.22 6.72
C ALA A 380 -2.09 -36.17 5.95
N ILE A 381 -1.90 -34.98 6.51
CA ILE A 381 -1.20 -33.93 5.78
C ILE A 381 0.31 -34.06 5.93
N TYR A 382 0.80 -34.11 7.18
CA TYR A 382 2.25 -34.14 7.36
C TYR A 382 2.87 -35.50 7.01
N ARG A 383 2.06 -36.52 6.77
CA ARG A 383 2.53 -37.76 6.18
C ARG A 383 2.07 -37.97 4.75
N SER A 384 1.22 -37.08 4.24
CA SER A 384 0.60 -37.20 2.93
C SER A 384 0.12 -38.63 2.67
N ASN A 385 -0.84 -39.05 3.50
CA ASN A 385 -1.43 -40.37 3.34
C ASN A 385 -2.43 -40.35 2.18
N ASP A 386 -2.37 -41.37 1.32
CA ASP A 386 -3.26 -41.40 0.18
C ASP A 386 -4.62 -42.00 0.52
N THR A 387 -4.66 -42.98 1.43
CA THR A 387 -5.92 -43.63 1.76
C THR A 387 -6.89 -42.66 2.43
N TYR A 388 -6.37 -41.75 3.25
CA TYR A 388 -7.22 -40.74 3.88
C TYR A 388 -7.95 -39.91 2.83
N PHE A 389 -7.23 -39.49 1.79
CA PHE A 389 -7.84 -38.69 0.74
C PHE A 389 -8.52 -39.54 -0.31
N TYR A 390 -8.12 -40.81 -0.46
CA TYR A 390 -8.95 -41.77 -1.17
C TYR A 390 -10.33 -41.86 -0.54
N ASP A 391 -10.36 -42.01 0.78
CA ASP A 391 -11.63 -42.10 1.51
C ASP A 391 -12.38 -40.78 1.50
N LEU A 392 -11.66 -39.66 1.61
CA LEU A 392 -12.32 -38.36 1.63
C LEU A 392 -12.97 -38.07 0.28
N ALA A 393 -12.23 -38.31 -0.81
CA ALA A 393 -12.79 -38.04 -2.15
C ALA A 393 -13.99 -38.92 -2.44
N HIS A 394 -14.01 -40.14 -1.88
CA HIS A 394 -15.14 -41.04 -2.11
C HIS A 394 -16.41 -40.49 -1.46
N LYS A 395 -16.35 -40.18 -0.16
CA LYS A 395 -17.51 -39.69 0.56
C LYS A 395 -17.94 -38.30 0.11
N LEU A 396 -17.12 -37.60 -0.67
CA LEU A 396 -17.42 -36.25 -1.11
C LEU A 396 -18.07 -36.21 -2.48
N GLY A 397 -17.61 -37.02 -3.40
CA GLY A 397 -18.17 -37.00 -4.74
C GLY A 397 -17.47 -35.98 -5.61
N ILE A 398 -17.37 -36.30 -6.90
CA ILE A 398 -16.67 -35.40 -7.82
C ILE A 398 -17.51 -34.17 -8.15
N ASP A 399 -18.82 -34.26 -7.95
CA ASP A 399 -19.67 -33.11 -8.18
C ASP A 399 -19.34 -31.95 -7.23
N ARG A 400 -19.15 -32.27 -5.95
CA ARG A 400 -18.82 -31.26 -4.96
C ARG A 400 -17.31 -31.09 -4.79
N LEU A 401 -16.51 -31.99 -5.37
CA LEU A 401 -15.05 -31.82 -5.36
C LEU A 401 -14.61 -30.85 -6.45
N HIS A 402 -15.01 -31.10 -7.70
CA HIS A 402 -14.69 -30.18 -8.79
C HIS A 402 -15.20 -28.78 -8.50
N ALA A 403 -16.35 -28.66 -7.83
CA ALA A 403 -16.88 -27.35 -7.50
C ALA A 403 -16.01 -26.63 -6.46
N PHE A 404 -15.49 -27.37 -5.48
CA PHE A 404 -14.67 -26.75 -4.44
C PHE A 404 -13.29 -26.37 -4.97
N MET A 405 -12.63 -27.29 -5.68
CA MET A 405 -11.32 -26.99 -6.25
C MET A 405 -11.38 -25.93 -7.33
N SER A 406 -12.55 -25.70 -7.92
CA SER A 406 -12.71 -24.62 -8.87
C SER A 406 -12.68 -23.26 -8.18
N ARG A 407 -13.33 -23.16 -7.02
CA ARG A 407 -13.31 -21.93 -6.25
C ARG A 407 -11.90 -21.59 -5.76
N PHE A 408 -10.99 -22.56 -5.80
CA PHE A 408 -9.60 -22.33 -5.48
C PHE A 408 -8.79 -21.87 -6.68
N GLY A 409 -9.39 -21.82 -7.87
CA GLY A 409 -8.73 -21.34 -9.05
C GLY A 409 -8.27 -22.39 -10.03
N PHE A 410 -8.61 -23.65 -9.81
CA PHE A 410 -8.26 -24.73 -10.74
C PHE A 410 -9.34 -24.85 -11.81
N GLY A 411 -8.90 -24.98 -13.06
CA GLY A 411 -9.83 -25.05 -14.17
C GLY A 411 -9.62 -23.97 -15.22
N GLN A 412 -9.81 -22.71 -14.84
CA GLN A 412 -9.48 -21.56 -15.66
C GLN A 412 -8.32 -20.79 -15.06
N LYS A 413 -7.93 -19.70 -15.73
CA LYS A 413 -6.75 -18.93 -15.33
C LYS A 413 -7.06 -18.07 -14.11
N VAL A 414 -6.01 -17.75 -13.36
CA VAL A 414 -6.15 -17.09 -12.07
C VAL A 414 -5.66 -15.65 -12.12
N ALA A 415 -4.55 -15.39 -12.82
CA ALA A 415 -3.87 -14.11 -12.73
C ALA A 415 -4.68 -13.02 -13.45
N LEU A 416 -4.34 -11.77 -13.13
CA LEU A 416 -5.00 -10.61 -13.72
C LEU A 416 -4.38 -10.23 -15.06
N ASP A 417 -3.06 -10.22 -15.16
CA ASP A 417 -2.38 -9.66 -16.34
C ASP A 417 -1.22 -10.57 -16.78
N MET A 418 -1.55 -11.82 -17.13
CA MET A 418 -0.57 -12.77 -17.64
C MET A 418 -1.02 -13.26 -19.01
N PHE A 419 -0.22 -12.97 -20.04
CA PHE A 419 -0.61 -13.27 -21.41
C PHE A 419 -0.45 -14.76 -21.70
N GLY A 420 -1.52 -15.38 -22.21
CA GLY A 420 -1.46 -16.75 -22.63
C GLY A 420 -1.43 -17.76 -21.50
N GLU A 421 -2.10 -17.45 -20.38
CA GLU A 421 -2.15 -18.39 -19.28
C GLU A 421 -3.07 -19.55 -19.64
N ALA A 422 -2.55 -20.77 -19.54
CA ALA A 422 -3.35 -21.96 -19.84
C ALA A 422 -4.40 -22.15 -18.75
N ASP A 423 -5.59 -22.58 -19.16
CA ASP A 423 -6.68 -22.71 -18.20
C ASP A 423 -6.41 -23.80 -17.17
N GLY A 424 -5.73 -24.86 -17.57
CA GLY A 424 -5.64 -26.05 -16.74
C GLY A 424 -6.91 -26.86 -16.89
N LEU A 425 -6.98 -27.95 -16.13
CA LEU A 425 -8.16 -28.81 -16.18
C LEU A 425 -8.51 -29.29 -14.78
N MET A 426 -9.74 -29.04 -14.35
CA MET A 426 -10.30 -29.63 -13.14
C MET A 426 -11.47 -30.51 -13.58
N PRO A 427 -11.26 -31.81 -13.73
CA PRO A 427 -12.27 -32.65 -14.39
C PRO A 427 -13.56 -32.73 -13.58
N SER A 428 -14.67 -32.83 -14.33
CA SER A 428 -16.00 -32.94 -13.76
C SER A 428 -16.74 -34.01 -14.52
N ARG A 429 -17.97 -34.30 -14.10
CA ARG A 429 -18.78 -35.28 -14.82
C ARG A 429 -19.21 -34.76 -16.20
N GLU A 430 -19.41 -33.44 -16.32
CA GLU A 430 -19.79 -32.88 -17.61
C GLU A 430 -18.62 -32.87 -18.60
N TRP A 431 -17.39 -32.66 -18.12
CA TRP A 431 -16.24 -32.64 -19.02
C TRP A 431 -16.03 -33.99 -19.69
N LYS A 432 -16.08 -35.08 -18.91
CA LYS A 432 -15.83 -36.40 -19.47
C LYS A 432 -16.95 -36.84 -20.40
N ARG A 433 -18.18 -36.36 -20.16
CA ARG A 433 -19.27 -36.62 -21.09
C ARG A 433 -19.04 -35.92 -22.42
N LYS A 434 -18.56 -34.68 -22.37
CA LYS A 434 -18.18 -33.97 -23.59
C LYS A 434 -16.94 -34.60 -24.23
N THR A 435 -15.82 -34.61 -23.48
CA THR A 435 -14.53 -34.99 -24.04
C THR A 435 -14.52 -36.44 -24.49
N ARG A 436 -14.66 -37.37 -23.54
CA ARG A 436 -14.46 -38.78 -23.83
C ARG A 436 -15.76 -39.55 -24.05
N ARG A 437 -16.91 -38.96 -23.71
CA ARG A 437 -18.22 -39.59 -23.86
C ARG A 437 -18.27 -40.98 -23.20
N GLN A 438 -18.07 -40.98 -21.89
CA GLN A 438 -18.24 -42.18 -21.09
C GLN A 438 -18.58 -41.77 -19.67
N VAL A 439 -19.35 -42.62 -18.98
CA VAL A 439 -19.84 -42.26 -17.65
C VAL A 439 -18.68 -42.20 -16.67
N TRP A 440 -18.85 -41.40 -15.62
CA TRP A 440 -17.80 -41.24 -14.63
C TRP A 440 -17.80 -42.42 -13.69
N TYR A 441 -16.63 -43.04 -13.54
CA TYR A 441 -16.46 -44.17 -12.65
C TYR A 441 -16.00 -43.69 -11.27
N PRO A 442 -16.55 -44.28 -10.20
CA PRO A 442 -16.17 -43.84 -8.84
C PRO A 442 -14.68 -43.96 -8.55
N GLY A 443 -13.96 -44.84 -9.24
CA GLY A 443 -12.53 -44.93 -9.05
C GLY A 443 -11.76 -43.74 -9.56
N GLU A 444 -12.34 -42.97 -10.48
CA GLU A 444 -11.68 -41.78 -11.00
C GLU A 444 -11.72 -40.62 -10.01
N THR A 445 -12.63 -40.64 -9.04
CA THR A 445 -12.65 -39.60 -8.02
C THR A 445 -11.56 -39.80 -6.98
N LEU A 446 -11.18 -41.05 -6.70
CA LEU A 446 -10.19 -41.30 -5.66
C LEU A 446 -8.80 -40.82 -6.09
N ILE A 447 -8.45 -41.00 -7.36
CA ILE A 447 -7.17 -40.51 -7.85
C ILE A 447 -7.13 -38.99 -7.81
N LEU A 448 -8.29 -38.33 -7.91
CA LEU A 448 -8.34 -36.88 -7.81
C LEU A 448 -8.15 -36.41 -6.37
N GLY A 449 -8.55 -37.23 -5.39
CA GLY A 449 -8.35 -36.86 -4.01
C GLY A 449 -6.90 -36.67 -3.63
N ILE A 450 -5.98 -37.26 -4.38
CA ILE A 450 -4.55 -37.07 -4.17
C ILE A 450 -3.92 -36.32 -5.34
N GLY A 451 -4.73 -35.67 -6.16
CA GLY A 451 -4.23 -34.81 -7.21
C GLY A 451 -3.69 -35.51 -8.44
N GLN A 452 -4.44 -36.49 -8.95
CA GLN A 452 -4.00 -37.20 -10.15
C GLN A 452 -5.12 -37.29 -11.18
N GLY A 453 -5.06 -38.31 -12.03
CA GLY A 453 -6.02 -38.45 -13.10
C GLY A 453 -5.74 -37.51 -14.25
N TYR A 454 -6.78 -36.92 -14.82
CA TYR A 454 -6.64 -35.96 -15.91
C TYR A 454 -6.44 -34.53 -15.43
N MET A 455 -6.32 -34.32 -14.12
CA MET A 455 -6.24 -32.96 -13.59
C MET A 455 -4.96 -32.27 -14.04
N GLN A 456 -5.12 -31.04 -14.52
CA GLN A 456 -4.01 -30.22 -15.00
C GLN A 456 -3.98 -28.91 -14.24
N ALA A 457 -2.78 -28.50 -13.84
CA ALA A 457 -2.63 -27.28 -13.06
C ALA A 457 -1.32 -26.60 -13.45
N THR A 458 -1.39 -25.27 -13.66
CA THR A 458 -0.24 -24.43 -13.94
C THR A 458 0.44 -23.99 -12.65
N PRO A 459 1.77 -23.79 -12.68
CA PRO A 459 2.48 -23.39 -11.45
C PRO A 459 1.97 -22.09 -10.84
N ILE A 460 1.22 -21.29 -11.58
CA ILE A 460 0.61 -20.09 -11.00
C ILE A 460 -0.71 -20.44 -10.31
N GLN A 461 -1.48 -21.36 -10.90
CA GLN A 461 -2.66 -21.88 -10.22
C GLN A 461 -2.30 -22.50 -8.89
N LEU A 462 -1.14 -23.16 -8.82
CA LEU A 462 -0.67 -23.73 -7.56
C LEU A 462 -0.29 -22.63 -6.57
N ALA A 463 0.48 -21.63 -7.03
CA ALA A 463 0.93 -20.56 -6.15
C ALA A 463 -0.25 -19.74 -5.63
N GLN A 464 -1.27 -19.54 -6.47
CA GLN A 464 -2.46 -18.82 -6.01
C GLN A 464 -3.21 -19.62 -4.95
N MET A 465 -3.26 -20.94 -5.11
CA MET A 465 -3.84 -21.78 -4.07
C MET A 465 -3.05 -21.68 -2.78
N THR A 466 -1.72 -21.58 -2.89
CA THR A 466 -0.90 -21.42 -1.69
C THR A 466 -1.15 -20.08 -1.02
N ALA A 467 -1.25 -19.01 -1.81
CA ALA A 467 -1.61 -17.71 -1.25
C ALA A 467 -3.01 -17.72 -0.67
N LEU A 468 -3.92 -18.51 -1.26
CA LEU A 468 -5.28 -18.60 -0.75
C LEU A 468 -5.32 -19.23 0.63
N LEU A 469 -4.55 -20.29 0.84
CA LEU A 469 -4.48 -20.91 2.16
C LEU A 469 -3.83 -19.96 3.17
N ALA A 470 -2.92 -19.12 2.71
CA ALA A 470 -2.32 -18.11 3.59
C ALA A 470 -3.28 -16.96 3.88
N ASN A 471 -4.15 -16.63 2.93
CA ASN A 471 -5.04 -15.48 3.03
C ASN A 471 -6.36 -15.79 3.71
N LYS A 472 -6.55 -17.01 4.21
CA LYS A 472 -7.79 -17.44 4.85
C LYS A 472 -9.00 -17.30 3.92
N GLY A 473 -8.79 -17.47 2.62
CA GLY A 473 -9.88 -17.53 1.67
C GLY A 473 -10.24 -16.23 0.98
N HIS A 474 -9.54 -15.13 1.27
CA HIS A 474 -9.81 -13.88 0.58
C HIS A 474 -9.21 -13.93 -0.81
N TRP A 475 -10.05 -13.80 -1.83
CA TRP A 475 -9.64 -14.02 -3.21
C TRP A 475 -9.14 -12.70 -3.79
N ILE A 476 -7.84 -12.65 -4.07
CA ILE A 476 -7.23 -11.54 -4.82
C ILE A 476 -6.36 -12.17 -5.89
N ARG A 477 -6.63 -11.82 -7.15
CA ARG A 477 -5.94 -12.45 -8.26
C ARG A 477 -4.48 -12.01 -8.30
N PRO A 478 -3.55 -12.90 -8.64
CA PRO A 478 -2.16 -12.48 -8.83
C PRO A 478 -2.06 -11.49 -9.99
N HIS A 479 -1.08 -10.60 -9.89
CA HIS A 479 -0.89 -9.60 -10.94
C HIS A 479 0.56 -9.15 -10.94
N LEU A 480 1.12 -8.99 -12.14
CA LEU A 480 2.48 -8.48 -12.27
C LEU A 480 2.51 -6.96 -12.16
N ALA A 481 1.69 -6.29 -12.97
CA ALA A 481 1.62 -4.84 -12.96
C ALA A 481 1.16 -4.31 -11.60
N LYS A 482 2.07 -3.75 -10.82
CA LYS A 482 1.69 -3.16 -9.54
C LYS A 482 0.90 -1.88 -9.76
N THR A 483 1.39 -0.99 -10.61
CA THR A 483 0.70 0.25 -10.95
C THR A 483 0.80 0.49 -12.45
N ILE A 484 -0.24 1.13 -12.99
CA ILE A 484 -0.24 1.61 -14.37
C ILE A 484 -0.43 3.12 -14.33
N ASP A 485 0.57 3.86 -14.80
CA ASP A 485 0.60 5.32 -14.77
C ASP A 485 0.56 5.86 -13.34
N GLY A 486 0.96 5.04 -12.36
CA GLY A 486 1.01 5.44 -10.98
C GLY A 486 -0.15 4.98 -10.12
N GLN A 487 -1.10 4.24 -10.67
CA GLN A 487 -2.22 3.73 -9.90
C GLN A 487 -2.38 2.23 -10.16
N PRO A 488 -2.70 1.45 -9.13
CA PRO A 488 -2.78 0.00 -9.33
C PRO A 488 -3.97 -0.37 -10.20
N PRO A 489 -3.84 -1.41 -11.01
CA PRO A 489 -4.96 -1.84 -11.85
C PRO A 489 -6.06 -2.47 -11.03
N VAL A 490 -7.27 -2.42 -11.57
CA VAL A 490 -8.46 -2.95 -10.91
C VAL A 490 -8.91 -4.20 -11.66
N ASP A 491 -9.24 -5.23 -10.89
CA ASP A 491 -9.72 -6.49 -11.46
C ASP A 491 -11.15 -6.34 -11.98
N PRO A 492 -11.38 -6.42 -13.29
CA PRO A 492 -12.75 -6.27 -13.79
C PRO A 492 -13.65 -7.43 -13.42
N ASP A 493 -13.12 -8.64 -13.32
CA ASP A 493 -13.89 -9.83 -12.94
C ASP A 493 -13.24 -10.48 -11.73
N PRO A 494 -13.65 -10.10 -10.52
CA PRO A 494 -13.08 -10.73 -9.32
C PRO A 494 -13.60 -12.15 -9.14
N MET A 495 -13.01 -12.84 -8.15
CA MET A 495 -13.45 -14.16 -7.74
C MET A 495 -14.06 -14.09 -6.34
N PRO A 496 -15.16 -14.80 -6.08
CA PRO A 496 -15.76 -14.76 -4.75
C PRO A 496 -14.84 -15.40 -3.72
N ASP A 497 -14.80 -14.80 -2.53
CA ASP A 497 -13.99 -15.35 -1.46
C ASP A 497 -14.53 -16.71 -1.05
N ILE A 498 -13.67 -17.52 -0.44
CA ILE A 498 -14.03 -18.85 0.02
C ILE A 498 -14.40 -18.73 1.49
N VAL A 499 -15.70 -18.79 1.77
CA VAL A 499 -16.24 -18.59 3.11
C VAL A 499 -16.61 -19.97 3.65
N LEU A 500 -15.77 -20.51 4.53
CA LEU A 500 -16.03 -21.80 5.14
C LEU A 500 -17.13 -21.69 6.18
N ARG A 501 -17.90 -22.77 6.34
CA ARG A 501 -18.92 -22.82 7.38
C ARG A 501 -18.31 -22.94 8.77
N ASP A 502 -17.03 -23.24 8.86
CA ASP A 502 -16.28 -23.17 10.11
C ASP A 502 -14.92 -22.58 9.77
N PRO A 503 -14.74 -21.27 9.92
CA PRO A 503 -13.49 -20.64 9.48
C PRO A 503 -12.26 -21.13 10.20
N ALA A 504 -12.41 -21.79 11.35
CA ALA A 504 -11.26 -22.36 12.05
C ALA A 504 -10.60 -23.50 11.28
N ASN A 505 -11.26 -24.03 10.24
CA ASN A 505 -10.63 -25.08 9.44
C ASN A 505 -9.40 -24.58 8.71
N TRP A 506 -9.35 -23.29 8.40
CA TRP A 506 -8.14 -22.70 7.82
C TRP A 506 -6.94 -22.94 8.73
N ASP A 507 -7.09 -22.61 10.02
CA ASP A 507 -5.96 -22.76 10.95
C ASP A 507 -5.61 -24.23 11.17
N ARG A 508 -6.56 -25.14 10.99
CA ARG A 508 -6.29 -26.56 11.18
C ARG A 508 -5.54 -27.15 10.00
N VAL A 509 -5.94 -26.81 8.78
CA VAL A 509 -5.20 -27.28 7.60
C VAL A 509 -3.84 -26.62 7.53
N ASP A 510 -3.76 -25.33 7.88
CA ASP A 510 -2.46 -24.66 7.91
C ASP A 510 -1.52 -25.31 8.92
N TYR A 511 -2.05 -25.70 10.09
CA TYR A 511 -1.23 -26.41 11.06
C TYR A 511 -0.80 -27.78 10.55
N GLY A 512 -1.64 -28.43 9.76
CA GLY A 512 -1.21 -29.68 9.13
C GLY A 512 -0.11 -29.44 8.12
N MET A 513 -0.27 -28.40 7.28
CA MET A 513 0.81 -27.98 6.41
C MET A 513 2.02 -27.51 7.21
N GLN A 514 1.79 -26.94 8.40
CA GLN A 514 2.89 -26.46 9.22
C GLN A 514 3.76 -27.61 9.72
N GLN A 515 3.13 -28.73 10.11
CA GLN A 515 3.88 -29.88 10.60
C GLN A 515 4.54 -30.67 9.47
N VAL A 516 4.23 -30.35 8.21
CA VAL A 516 4.93 -30.97 7.08
C VAL A 516 6.43 -30.68 7.15
N VAL A 517 6.79 -29.46 7.55
CA VAL A 517 8.17 -29.00 7.49
C VAL A 517 8.82 -29.07 8.86
N HIS A 518 8.02 -28.93 9.92
CA HIS A 518 8.54 -28.86 11.28
C HIS A 518 8.12 -30.02 12.17
N GLY A 519 7.16 -30.83 11.76
CA GLY A 519 6.72 -31.93 12.59
C GLY A 519 7.79 -33.00 12.73
N ALA A 520 7.69 -33.74 13.84
CA ALA A 520 8.66 -34.82 14.10
C ALA A 520 8.57 -35.93 13.07
N ARG A 521 7.45 -36.03 12.35
CA ARG A 521 7.27 -37.04 11.32
C ARG A 521 6.84 -36.42 9.99
N GLY A 522 7.23 -35.18 9.75
CA GLY A 522 6.90 -34.54 8.50
C GLY A 522 7.77 -35.05 7.37
N THR A 523 7.22 -35.01 6.16
CA THR A 523 7.98 -35.44 5.00
C THR A 523 9.19 -34.55 4.76
N ALA A 524 9.06 -33.26 5.06
CA ALA A 524 10.12 -32.28 4.88
C ALA A 524 10.63 -31.77 6.22
N ARG A 525 10.74 -32.68 7.21
CA ARG A 525 11.19 -32.28 8.54
C ARG A 525 12.63 -31.79 8.52
N LYS A 526 13.44 -32.28 7.58
CA LYS A 526 14.82 -31.82 7.48
C LYS A 526 14.90 -30.36 7.04
N VAL A 527 13.90 -29.89 6.30
CA VAL A 527 13.88 -28.50 5.86
C VAL A 527 13.63 -27.57 7.04
N GLY A 528 12.77 -27.99 7.97
CA GLY A 528 12.43 -27.16 9.11
C GLY A 528 13.54 -27.01 10.12
N ALA A 529 14.47 -27.98 10.17
CA ALA A 529 15.60 -27.89 11.08
C ALA A 529 16.53 -26.74 10.73
N THR A 530 16.50 -26.26 9.48
CA THR A 530 17.35 -25.18 9.02
C THR A 530 16.61 -23.87 8.87
N SER A 531 15.47 -23.72 9.53
CA SER A 531 14.60 -22.57 9.32
C SER A 531 14.58 -21.66 10.54
N ALA A 532 14.46 -20.36 10.28
CA ALA A 532 14.31 -19.36 11.32
C ALA A 532 12.86 -18.89 11.44
N TYR A 533 11.95 -19.48 10.68
CA TYR A 533 10.55 -19.09 10.70
C TYR A 533 9.71 -20.32 10.41
N LEU A 534 8.44 -20.27 10.84
CA LEU A 534 7.55 -21.40 10.61
C LEU A 534 7.10 -21.41 9.15
N ILE A 535 7.15 -22.59 8.54
CA ILE A 535 6.76 -22.77 7.14
C ILE A 535 5.57 -23.71 7.10
N ALA A 536 4.47 -23.25 6.50
CA ALA A 536 3.29 -24.08 6.30
C ALA A 536 3.27 -24.46 4.82
N GLY A 537 3.85 -25.62 4.52
CA GLY A 537 3.98 -26.07 3.15
C GLY A 537 3.56 -27.53 3.02
N LYS A 538 3.70 -28.03 1.79
CA LYS A 538 3.44 -29.45 1.53
C LYS A 538 4.14 -29.84 0.24
N SER A 539 4.83 -30.97 0.28
CA SER A 539 5.54 -31.49 -0.89
C SER A 539 4.65 -32.44 -1.67
N GLY A 540 5.05 -32.67 -2.92
CA GLY A 540 4.34 -33.62 -3.77
C GLY A 540 5.20 -33.99 -4.95
N THR A 541 4.62 -34.83 -5.81
CA THR A 541 5.25 -35.29 -7.04
C THR A 541 4.24 -35.17 -8.16
N ALA A 542 4.72 -34.82 -9.36
CA ALA A 542 3.88 -34.79 -10.54
C ALA A 542 4.09 -36.05 -11.36
N GLN A 543 3.08 -36.42 -12.13
CA GLN A 543 3.08 -37.68 -12.85
C GLN A 543 3.70 -37.51 -14.23
N VAL A 544 4.54 -38.47 -14.61
CA VAL A 544 5.08 -38.52 -15.96
C VAL A 544 4.90 -39.92 -16.55
N ARG A 561 13.45 -43.61 -20.43
CA ARG A 561 13.00 -42.22 -20.32
C ARG A 561 13.42 -41.66 -18.96
N HIS A 562 12.64 -40.74 -18.40
CA HIS A 562 13.08 -39.95 -17.27
C HIS A 562 12.11 -40.03 -16.10
N ARG A 563 12.55 -39.45 -14.98
CA ARG A 563 11.84 -39.47 -13.71
C ARG A 563 10.69 -38.47 -13.71
N ASP A 564 10.06 -38.30 -12.55
CA ASP A 564 8.88 -37.46 -12.40
C ASP A 564 9.23 -36.17 -11.64
N HIS A 565 8.43 -35.14 -11.87
CA HIS A 565 8.70 -33.82 -11.32
C HIS A 565 8.42 -33.75 -9.83
N ALA A 566 9.29 -33.04 -9.10
CA ALA A 566 9.12 -32.78 -7.69
C ALA A 566 8.43 -31.44 -7.48
N LEU A 567 7.47 -31.40 -6.56
CA LEU A 567 6.67 -30.22 -6.30
C LEU A 567 6.69 -29.89 -4.81
N PHE A 568 6.64 -28.60 -4.51
CA PHE A 568 6.52 -28.14 -3.12
C PHE A 568 5.95 -26.72 -3.13
N VAL A 569 4.84 -26.54 -2.40
CA VAL A 569 4.27 -25.23 -2.17
C VAL A 569 4.42 -24.90 -0.69
N GLY A 570 4.17 -23.63 -0.36
CA GLY A 570 4.26 -23.22 1.04
C GLY A 570 4.22 -21.72 1.25
N PHE A 571 3.71 -21.29 2.40
CA PHE A 571 3.72 -19.89 2.78
C PHE A 571 4.41 -19.72 4.14
N ALA A 572 4.93 -18.51 4.37
CA ALA A 572 5.70 -18.23 5.56
C ALA A 572 5.71 -16.73 5.82
N PRO A 573 5.81 -16.30 7.08
CA PRO A 573 5.71 -17.13 8.29
C PRO A 573 4.29 -17.68 8.45
N ALA A 574 4.18 -18.89 8.99
CA ALA A 574 2.89 -19.57 9.03
C ALA A 574 1.85 -18.78 9.81
N ASN A 575 2.26 -18.10 10.87
CA ASN A 575 1.32 -17.36 11.70
C ASN A 575 1.08 -15.94 11.21
N ASN A 576 1.92 -15.42 10.32
CA ASN A 576 1.70 -14.11 9.70
C ASN A 576 2.20 -14.18 8.26
N PRO A 577 1.38 -14.68 7.35
CA PRO A 577 1.84 -14.95 5.97
C PRO A 577 2.33 -13.71 5.26
N GLN A 578 3.58 -13.76 4.80
CA GLN A 578 4.19 -12.70 4.02
C GLN A 578 4.68 -13.15 2.65
N ILE A 579 4.82 -14.46 2.42
CA ILE A 579 5.30 -14.99 1.15
C ILE A 579 4.61 -16.31 0.88
N ALA A 580 4.25 -16.55 -0.38
CA ALA A 580 3.69 -17.81 -0.82
C ALA A 580 4.43 -18.26 -2.08
N VAL A 581 4.97 -19.47 -2.06
CA VAL A 581 5.84 -19.96 -3.12
C VAL A 581 5.33 -21.30 -3.63
N ALA A 582 5.39 -21.50 -4.94
CA ALA A 582 5.14 -22.79 -5.57
C ALA A 582 6.31 -23.09 -6.50
N VAL A 583 6.91 -24.27 -6.34
CA VAL A 583 8.10 -24.66 -7.08
C VAL A 583 7.86 -25.97 -7.80
N MET A 584 8.19 -26.02 -9.08
CA MET A 584 8.14 -27.23 -9.89
C MET A 584 9.53 -27.46 -10.49
N VAL A 585 10.20 -28.53 -10.06
CA VAL A 585 11.51 -28.90 -10.57
C VAL A 585 11.35 -30.11 -11.48
N GLU A 586 11.65 -29.94 -12.76
CA GLU A 586 11.46 -31.02 -13.72
C GLU A 586 12.38 -32.19 -13.40
N ASN A 587 11.78 -33.38 -13.27
CA ASN A 587 12.51 -34.62 -13.01
C ASN A 587 13.30 -34.54 -11.70
N GLY A 588 12.68 -33.98 -10.66
CA GLY A 588 13.32 -33.85 -9.37
C GLY A 588 13.08 -35.01 -8.42
N GLU A 589 12.01 -35.77 -8.69
CA GLU A 589 11.64 -36.96 -7.92
C GLU A 589 11.18 -36.65 -6.50
N SER A 590 12.07 -36.11 -5.67
CA SER A 590 11.79 -35.93 -4.25
C SER A 590 11.21 -34.54 -4.02
N GLY A 591 9.90 -34.46 -3.85
CA GLY A 591 9.30 -33.18 -3.48
C GLY A 591 9.82 -32.71 -2.13
N SER A 592 10.06 -33.64 -1.23
CA SER A 592 10.61 -33.35 0.08
C SER A 592 12.12 -33.05 0.07
N GLY A 593 12.86 -33.55 -0.93
CA GLY A 593 14.31 -33.47 -0.89
C GLY A 593 14.96 -32.45 -1.80
N VAL A 594 14.31 -32.07 -2.90
CA VAL A 594 14.83 -31.06 -3.81
C VAL A 594 13.89 -29.87 -3.94
N ALA A 595 12.59 -30.13 -4.08
CA ALA A 595 11.64 -29.02 -4.25
C ALA A 595 11.44 -28.26 -2.95
N ALA A 596 11.55 -28.93 -1.80
CA ALA A 596 11.37 -28.24 -0.53
C ALA A 596 12.52 -27.28 -0.23
N PRO A 597 13.80 -27.67 -0.36
CA PRO A 597 14.87 -26.69 -0.11
C PRO A 597 14.86 -25.50 -1.05
N VAL A 598 14.28 -25.61 -2.24
CA VAL A 598 14.23 -24.47 -3.15
C VAL A 598 13.25 -23.43 -2.64
N VAL A 599 12.08 -23.87 -2.15
CA VAL A 599 11.14 -22.93 -1.54
C VAL A 599 11.80 -22.18 -0.40
N LYS A 600 12.53 -22.92 0.45
CA LYS A 600 13.12 -22.31 1.64
C LYS A 600 14.20 -21.31 1.27
N GLN A 601 14.90 -21.53 0.16
CA GLN A 601 15.87 -20.54 -0.30
C GLN A 601 15.18 -19.29 -0.85
N VAL A 602 14.10 -19.49 -1.61
CA VAL A 602 13.32 -18.35 -2.09
C VAL A 602 12.66 -17.62 -0.92
N MET A 603 12.08 -18.36 0.02
CA MET A 603 11.47 -17.74 1.18
C MET A 603 12.51 -17.07 2.07
N ASP A 604 13.72 -17.63 2.15
CA ASP A 604 14.77 -17.02 2.96
C ASP A 604 15.15 -15.65 2.43
N ALA A 605 15.33 -15.55 1.11
CA ALA A 605 15.76 -14.28 0.52
C ALA A 605 14.77 -13.16 0.75
N TRP A 606 13.49 -13.49 0.92
CA TRP A 606 12.46 -12.48 1.14
C TRP A 606 12.30 -12.11 2.61
N LEU A 607 12.55 -13.06 3.52
CA LEU A 607 12.28 -12.84 4.94
C LEU A 607 13.53 -12.57 5.77
N LEU A 608 14.68 -13.08 5.34
CA LEU A 608 15.92 -12.96 6.11
C LEU A 608 16.69 -11.74 5.67
N ASP A 609 17.34 -11.07 6.63
CA ASP A 609 18.22 -9.97 6.31
C ASP A 609 19.50 -10.52 5.69
N GLU A 610 20.50 -9.66 5.51
CA GLU A 610 21.73 -10.07 4.87
C GLU A 610 22.73 -10.66 5.85
N HIS A 611 22.30 -10.93 7.09
CA HIS A 611 23.13 -11.56 8.10
C HIS A 611 22.51 -12.87 8.58
N GLY A 612 21.54 -13.41 7.83
CA GLY A 612 20.97 -14.70 8.11
C GLY A 612 19.81 -14.71 9.09
N LYS A 613 19.46 -13.58 9.68
CA LYS A 613 18.38 -13.53 10.66
C LYS A 613 17.09 -13.02 10.05
N LEU A 614 15.98 -13.36 10.70
CA LEU A 614 14.68 -12.88 10.28
C LEU A 614 14.58 -11.37 10.44
N LYS A 615 14.07 -10.70 9.40
CA LYS A 615 13.96 -9.24 9.41
C LYS A 615 13.09 -8.78 10.57
N ALA A 616 13.39 -7.57 11.07
CA ALA A 616 12.60 -7.00 12.16
C ALA A 616 11.14 -6.80 11.76
N GLU A 617 10.89 -6.42 10.50
CA GLU A 617 9.54 -6.15 10.03
C GLU A 617 8.62 -7.35 10.23
N TYR A 618 9.10 -8.55 9.89
CA TYR A 618 8.28 -9.75 9.84
C TYR A 618 8.25 -10.52 11.16
N ALA A 619 9.13 -10.21 12.11
CA ALA A 619 9.25 -11.03 13.31
C ALA A 619 8.08 -10.85 14.27
N GLU A 620 7.50 -9.66 14.34
CA GLU A 620 6.51 -9.39 15.38
C GLU A 620 5.22 -10.18 15.12
N PRO A 621 4.64 -10.81 16.14
CA PRO A 621 3.45 -11.64 15.93
C PRO A 621 2.18 -10.81 15.85
N VAL A 622 1.27 -11.26 14.99
CA VAL A 622 -0.04 -10.63 14.85
C VAL A 622 -1.14 -11.68 14.92
N PRO B 63 35.67 8.60 -10.78
CA PRO B 63 34.44 8.17 -10.11
C PRO B 63 33.20 8.45 -10.93
N ILE B 64 32.15 7.66 -10.72
CA ILE B 64 30.89 7.79 -11.44
C ILE B 64 29.79 8.03 -10.42
N PRO B 65 28.87 8.97 -10.67
CA PRO B 65 27.95 9.40 -9.60
C PRO B 65 26.93 8.34 -9.30
N PRO B 66 26.38 8.33 -8.09
CA PRO B 66 25.34 7.36 -7.72
C PRO B 66 23.95 7.84 -8.12
N THR B 67 23.04 6.88 -8.24
CA THR B 67 21.65 7.15 -8.57
C THR B 67 20.87 7.48 -7.31
N ARG B 68 19.99 8.49 -7.43
CA ARG B 68 19.20 8.94 -6.28
C ARG B 68 18.26 7.84 -5.81
N GLY B 69 18.06 7.79 -4.49
CA GLY B 69 17.20 6.78 -3.92
C GLY B 69 15.75 6.96 -4.32
N ILE B 70 15.05 5.85 -4.51
CA ILE B 70 13.65 5.89 -4.88
C ILE B 70 12.80 6.30 -3.69
N ILE B 71 11.70 6.99 -3.96
CA ILE B 71 10.77 7.46 -2.93
C ILE B 71 9.45 6.73 -3.13
N PHE B 72 8.96 6.10 -2.08
CA PHE B 72 7.69 5.38 -2.12
C PHE B 72 6.70 6.02 -1.17
N ASP B 73 5.42 5.77 -1.43
CA ASP B 73 4.37 6.12 -0.49
C ASP B 73 4.22 4.98 0.52
N ARG B 74 3.22 5.06 1.40
CA ARG B 74 3.06 4.03 2.42
C ARG B 74 2.58 2.70 1.85
N ASN B 75 2.02 2.69 0.64
CA ASN B 75 1.51 1.48 0.03
C ASN B 75 2.41 0.94 -1.08
N GLY B 76 3.59 1.52 -1.27
CA GLY B 76 4.51 1.04 -2.27
C GLY B 76 4.40 1.73 -3.62
N VAL B 77 3.54 2.74 -3.74
CA VAL B 77 3.47 3.52 -4.97
C VAL B 77 4.74 4.32 -5.14
N ILE B 78 5.29 4.32 -6.35
CA ILE B 78 6.55 5.03 -6.58
C ILE B 78 6.26 6.52 -6.67
N ILE B 79 6.99 7.30 -5.88
CA ILE B 79 6.80 8.74 -5.86
C ILE B 79 7.92 9.48 -6.58
N ALA B 80 9.13 8.94 -6.58
CA ALA B 80 10.25 9.57 -7.28
C ALA B 80 11.19 8.45 -7.71
N ASP B 81 11.24 8.19 -9.02
CA ASP B 81 12.15 7.21 -9.58
C ASP B 81 13.31 7.92 -10.29
N ASN B 82 14.11 7.14 -11.02
CA ASN B 82 15.16 7.66 -11.87
C ASN B 82 15.00 7.10 -13.27
N ARG B 83 15.02 7.98 -14.27
CA ARG B 83 14.85 7.62 -15.67
C ARG B 83 16.13 7.91 -16.45
N PRO B 84 16.41 7.16 -17.51
CA PRO B 84 17.63 7.41 -18.30
C PRO B 84 17.41 8.58 -19.24
N SER B 85 18.29 9.59 -19.14
CA SER B 85 18.20 10.78 -19.95
C SER B 85 19.54 11.08 -20.59
N PHE B 86 19.49 11.71 -21.76
CA PHE B 86 20.70 12.09 -22.50
C PHE B 86 20.47 13.37 -23.28
N VAL B 164 17.92 11.19 -14.96
CA VAL B 164 17.01 12.29 -14.65
C VAL B 164 16.00 11.85 -13.58
N ARG B 165 15.58 12.78 -12.74
CA ARG B 165 14.53 12.50 -11.77
C ARG B 165 13.16 12.68 -12.41
N HIS B 166 12.25 11.76 -12.10
CA HIS B 166 10.89 11.81 -12.60
C HIS B 166 9.92 11.57 -11.47
N TYR B 167 8.82 12.31 -11.46
CA TYR B 167 7.79 12.21 -10.44
C TYR B 167 6.51 11.68 -11.07
N PRO B 168 6.29 10.36 -11.04
CA PRO B 168 5.23 9.75 -11.85
C PRO B 168 3.82 10.12 -11.44
N LEU B 169 3.62 10.79 -10.30
CA LEU B 169 2.31 11.24 -9.89
C LEU B 169 2.14 12.75 -10.03
N LYS B 170 3.20 13.46 -10.46
CA LYS B 170 3.13 14.86 -10.90
C LYS B 170 2.65 15.72 -9.75
N GLU B 171 1.55 16.47 -9.89
CA GLU B 171 1.20 17.50 -8.92
C GLU B 171 0.69 16.93 -7.60
N HIS B 172 0.28 15.66 -7.58
CA HIS B 172 -0.31 15.07 -6.38
C HIS B 172 0.69 14.94 -5.23
N PHE B 173 1.96 15.30 -5.43
CA PHE B 173 2.97 15.17 -4.38
C PHE B 173 3.98 16.31 -4.42
N ALA B 174 3.65 17.42 -5.10
CA ALA B 174 4.62 18.47 -5.33
C ALA B 174 5.07 19.14 -4.03
N HIS B 175 4.15 19.31 -3.07
CA HIS B 175 4.49 20.01 -1.85
C HIS B 175 4.97 19.10 -0.73
N SER B 176 4.60 17.82 -0.77
CA SER B 176 5.13 16.86 0.20
C SER B 176 6.58 16.49 -0.15
N VAL B 177 6.78 15.95 -1.35
CA VAL B 177 8.08 15.44 -1.75
C VAL B 177 9.00 16.56 -2.23
N GLY B 178 8.45 17.53 -2.95
CA GLY B 178 9.27 18.57 -3.53
C GLY B 178 9.82 18.18 -4.89
N TYR B 179 10.99 18.72 -5.23
CA TYR B 179 11.61 18.40 -6.51
C TYR B 179 13.12 18.63 -6.38
N VAL B 180 13.83 18.38 -7.48
CA VAL B 180 15.26 18.61 -7.57
C VAL B 180 15.52 19.66 -8.64
N GLY B 181 16.74 20.20 -8.63
CA GLY B 181 17.16 21.16 -9.61
C GLY B 181 18.65 21.00 -9.83
N ARG B 182 19.18 21.74 -10.80
CA ARG B 182 20.58 21.59 -11.17
C ARG B 182 21.50 22.06 -10.05
N ILE B 183 22.44 21.20 -9.67
CA ILE B 183 23.36 21.46 -8.58
C ILE B 183 24.48 22.40 -9.02
N LYS B 189 25.40 25.86 -5.51
CA LYS B 189 26.57 25.82 -6.40
C LYS B 189 27.84 25.74 -5.57
N ASN B 190 27.68 25.43 -4.29
CA ASN B 190 28.79 25.25 -3.36
C ASN B 190 28.67 23.87 -2.73
N LEU B 191 29.57 22.97 -3.12
CA LEU B 191 29.54 21.62 -2.60
C LEU B 191 30.93 21.02 -2.63
N ASP B 192 31.19 20.20 -1.63
CA ASP B 192 32.08 19.05 -1.67
C ASP B 192 32.49 18.76 -3.11
N PRO B 193 33.72 19.05 -3.49
CA PRO B 193 34.12 18.78 -4.88
C PRO B 193 34.19 17.30 -5.23
N ILE B 194 34.19 16.43 -4.23
CA ILE B 194 34.37 14.99 -4.46
C ILE B 194 33.05 14.27 -4.67
N ASN B 195 32.18 14.27 -3.66
CA ASN B 195 31.02 13.38 -3.70
C ASN B 195 29.98 13.80 -4.74
N TYR B 196 29.85 15.10 -5.00
CA TYR B 196 28.88 15.56 -5.98
C TYR B 196 29.48 15.70 -7.37
N SER B 197 30.67 15.16 -7.59
CA SER B 197 31.23 15.07 -8.94
C SER B 197 30.37 14.15 -9.80
N GLY B 198 30.08 14.60 -11.02
CA GLY B 198 29.18 13.88 -11.89
C GLY B 198 27.72 13.99 -11.51
N THR B 199 27.40 14.60 -10.38
CA THR B 199 26.03 14.79 -9.93
C THR B 199 25.59 16.20 -10.32
N HIS B 200 24.65 16.28 -11.27
CA HIS B 200 24.25 17.58 -11.81
C HIS B 200 22.96 18.10 -11.21
N HIS B 201 22.34 17.37 -10.29
CA HIS B 201 21.10 17.84 -9.68
C HIS B 201 21.12 17.58 -8.18
N ILE B 202 20.32 18.38 -7.45
CA ILE B 202 20.25 18.32 -6.00
C ILE B 202 18.83 18.67 -5.57
N GLY B 203 18.43 18.17 -4.41
CA GLY B 203 17.10 18.47 -3.91
C GLY B 203 16.92 19.95 -3.62
N LYS B 204 15.75 20.47 -3.97
CA LYS B 204 15.39 21.87 -3.77
C LYS B 204 14.39 22.08 -2.64
N THR B 205 13.30 21.32 -2.63
CA THR B 205 12.25 21.46 -1.64
C THR B 205 11.70 20.09 -1.26
N GLY B 206 10.86 20.07 -0.22
CA GLY B 206 10.18 18.87 0.18
C GLY B 206 11.12 17.82 0.74
N ILE B 207 10.76 16.55 0.52
CA ILE B 207 11.56 15.44 1.03
C ILE B 207 12.92 15.40 0.33
N GLU B 208 12.96 15.81 -0.95
CA GLU B 208 14.21 15.81 -1.69
C GLU B 208 15.29 16.63 -1.00
N ARG B 209 14.91 17.76 -0.39
CA ARG B 209 15.87 18.61 0.29
C ARG B 209 16.23 18.08 1.67
N PHE B 210 15.21 17.87 2.52
CA PHE B 210 15.45 17.44 3.90
C PHE B 210 16.31 16.19 3.97
N TYR B 211 16.06 15.22 3.08
CA TYR B 211 16.81 13.97 3.03
C TYR B 211 17.74 13.90 1.82
N GLU B 212 18.27 15.05 1.40
CA GLU B 212 19.19 15.08 0.27
C GLU B 212 20.43 14.22 0.52
N SER B 213 20.95 14.26 1.75
CA SER B 213 22.10 13.44 2.11
C SER B 213 21.82 11.95 1.87
N GLU B 214 20.73 11.44 2.45
CA GLU B 214 20.42 10.02 2.34
C GLU B 214 20.09 9.62 0.91
N LEU B 215 19.36 10.47 0.20
CA LEU B 215 18.97 10.15 -1.18
C LEU B 215 20.15 10.20 -2.15
N HIS B 216 21.24 10.88 -1.79
CA HIS B 216 22.35 11.07 -2.71
C HIS B 216 23.18 9.79 -2.87
N GLY B 217 23.93 9.42 -1.84
CA GLY B 217 24.79 8.27 -1.89
C GLY B 217 26.27 8.64 -1.79
N THR B 218 27.11 7.74 -2.30
CA THR B 218 28.55 7.89 -2.25
C THR B 218 29.15 7.77 -3.64
N VAL B 219 30.27 8.47 -3.85
CA VAL B 219 31.00 8.46 -5.11
C VAL B 219 30.13 8.92 -6.27
N ASP B 240 32.66 0.61 -6.77
CA ASP B 240 31.33 0.97 -7.22
C ASP B 240 30.65 1.95 -6.27
N PRO B 241 29.92 2.91 -6.82
CA PRO B 241 29.23 3.88 -5.97
C PRO B 241 28.09 3.23 -5.21
N ILE B 242 27.93 3.63 -3.95
CA ILE B 242 26.86 3.10 -3.12
C ILE B 242 25.57 3.86 -3.44
N PRO B 243 24.55 3.19 -3.96
CA PRO B 243 23.33 3.90 -4.38
C PRO B 243 22.61 4.54 -3.19
N GLY B 244 21.85 5.59 -3.49
CA GLY B 244 21.13 6.29 -2.45
C GLY B 244 20.08 5.42 -1.79
N LYS B 245 19.79 5.74 -0.54
CA LYS B 245 18.80 5.00 0.25
C LYS B 245 17.38 5.34 -0.19
N ASP B 246 16.53 4.32 -0.23
CA ASP B 246 15.13 4.50 -0.61
C ASP B 246 14.29 4.88 0.61
N ILE B 247 13.35 5.81 0.42
CA ILE B 247 12.55 6.36 1.50
C ILE B 247 11.08 6.01 1.25
N VAL B 248 10.41 5.52 2.30
CA VAL B 248 8.99 5.22 2.27
C VAL B 248 8.25 6.30 3.04
N LEU B 249 7.28 6.94 2.39
CA LEU B 249 6.54 8.05 2.96
C LEU B 249 5.30 7.58 3.73
N SER B 250 4.82 8.46 4.61
CA SER B 250 3.59 8.20 5.36
C SER B 250 2.32 8.39 4.54
N ILE B 251 2.40 9.12 3.43
CA ILE B 251 1.22 9.53 2.68
C ILE B 251 0.65 8.35 1.90
N ASP B 252 -0.65 8.13 2.04
CA ASP B 252 -1.41 7.29 1.13
C ASP B 252 -1.81 8.14 -0.06
N SER B 253 -1.40 7.74 -1.26
CA SER B 253 -1.58 8.60 -2.43
C SER B 253 -2.98 8.54 -3.00
N ARG B 254 -3.79 7.56 -2.60
CA ARG B 254 -5.22 7.61 -2.89
C ARG B 254 -6.00 8.48 -1.91
N LEU B 255 -5.44 8.77 -0.73
CA LEU B 255 -6.03 9.76 0.16
C LEU B 255 -5.55 11.16 -0.16
N GLN B 256 -4.31 11.29 -0.63
CA GLN B 256 -3.87 12.55 -1.22
C GLN B 256 -4.74 12.88 -2.43
N GLU B 257 -5.11 11.85 -3.20
CA GLU B 257 -5.98 12.03 -4.34
C GLU B 257 -7.39 12.39 -3.90
N ALA B 258 -7.90 11.74 -2.84
CA ALA B 258 -9.25 12.03 -2.35
C ALA B 258 -9.33 13.41 -1.68
N ALA B 259 -8.25 13.87 -1.05
CA ALA B 259 -8.29 15.16 -0.38
C ALA B 259 -8.29 16.32 -1.38
N GLU B 260 -7.37 16.28 -2.35
CA GLU B 260 -7.33 17.30 -3.39
C GLU B 260 -8.60 17.30 -4.22
N ASN B 261 -9.16 16.12 -4.47
CA ASN B 261 -10.44 16.04 -5.17
C ASN B 261 -11.55 16.70 -4.38
N ALA B 262 -11.53 16.54 -3.05
CA ALA B 262 -12.57 17.11 -2.20
C ALA B 262 -12.53 18.63 -2.21
N LEU B 263 -11.36 19.22 -2.43
CA LEU B 263 -11.27 20.68 -2.49
C LEU B 263 -11.98 21.26 -3.70
N ALA B 264 -12.18 20.47 -4.75
CA ALA B 264 -12.98 20.87 -5.91
C ALA B 264 -12.39 22.10 -6.60
N GLY B 265 -11.06 22.13 -6.69
CA GLY B 265 -10.36 23.22 -7.35
C GLY B 265 -10.14 24.46 -6.50
N ARG B 266 -10.72 24.53 -5.31
CA ARG B 266 -10.54 25.69 -4.45
C ARG B 266 -9.15 25.65 -3.79
N ARG B 267 -8.68 26.82 -3.41
CA ARG B 267 -7.37 26.96 -2.79
C ARG B 267 -7.44 26.69 -1.28
N GLY B 268 -6.39 26.07 -0.76
CA GLY B 268 -6.35 25.77 0.67
C GLY B 268 -5.32 24.70 0.99
N ALA B 269 -5.56 24.00 2.09
CA ALA B 269 -4.61 23.01 2.60
C ALA B 269 -5.35 21.97 3.43
N ILE B 270 -4.86 20.73 3.35
CA ILE B 270 -5.41 19.61 4.11
C ILE B 270 -4.25 18.83 4.70
N VAL B 271 -4.33 18.53 6.00
CA VAL B 271 -3.28 17.81 6.71
C VAL B 271 -3.94 16.69 7.51
N ALA B 272 -3.53 15.45 7.24
CA ALA B 272 -4.03 14.28 7.93
C ALA B 272 -2.90 13.61 8.71
N ILE B 273 -3.19 13.23 9.95
CA ILE B 273 -2.21 12.64 10.85
C ILE B 273 -2.82 11.36 11.43
N GLN B 274 -2.03 10.30 11.46
CA GLN B 274 -2.41 9.08 12.18
C GLN B 274 -2.02 9.23 13.64
N PRO B 275 -2.96 9.42 14.57
CA PRO B 275 -2.58 9.72 15.95
C PRO B 275 -1.84 8.58 16.63
N SER B 276 -2.09 7.33 16.22
CA SER B 276 -1.47 6.20 16.88
C SER B 276 0.02 6.10 16.54
N THR B 277 0.38 6.40 15.29
CA THR B 277 1.76 6.31 14.84
C THR B 277 2.44 7.66 14.64
N GLY B 278 1.68 8.72 14.40
CA GLY B 278 2.25 9.98 13.98
C GLY B 278 2.47 10.11 12.49
N ASP B 279 2.12 9.08 11.73
CA ASP B 279 2.29 9.10 10.28
C ASP B 279 1.41 10.19 9.66
N VAL B 280 2.03 11.03 8.83
CA VAL B 280 1.27 12.02 8.07
C VAL B 280 0.56 11.28 6.95
N LEU B 281 -0.71 10.93 7.18
CA LEU B 281 -1.46 10.14 6.22
C LEU B 281 -1.77 10.92 4.94
N ALA B 282 -1.80 12.25 5.02
CA ALA B 282 -2.01 13.08 3.85
C ALA B 282 -1.42 14.46 4.12
N MET B 283 -0.88 15.06 3.07
CA MET B 283 -0.31 16.40 3.16
C MET B 283 -0.63 17.09 1.84
N VAL B 284 -1.67 17.90 1.85
CA VAL B 284 -2.23 18.49 0.64
C VAL B 284 -2.13 20.00 0.74
N SER B 285 -1.54 20.61 -0.28
CA SER B 285 -1.58 22.05 -0.48
C SER B 285 -1.87 22.25 -1.96
N GLN B 286 -2.96 22.94 -2.26
CA GLN B 286 -3.35 22.96 -3.66
C GLN B 286 -3.06 24.34 -4.23
N PRO B 287 -3.68 24.73 -5.34
CA PRO B 287 -2.87 25.28 -6.42
C PRO B 287 -1.44 24.76 -6.36
N SER B 288 -1.19 23.63 -7.00
CA SER B 288 0.11 23.00 -7.02
C SER B 288 0.64 23.02 -8.45
N TYR B 289 1.75 22.33 -8.67
CA TYR B 289 2.41 22.37 -9.96
C TYR B 289 3.04 21.02 -10.26
N ASP B 290 3.34 20.80 -11.53
CA ASP B 290 4.02 19.59 -11.94
C ASP B 290 5.49 19.72 -11.59
N PRO B 291 6.03 18.89 -10.69
CA PRO B 291 7.46 18.96 -10.42
C PRO B 291 8.32 18.49 -11.57
N ASN B 292 7.75 17.90 -12.63
CA ASN B 292 8.69 17.50 -13.68
C ASN B 292 9.02 18.65 -14.62
N LEU B 293 8.76 19.92 -14.24
CA LEU B 293 9.27 21.05 -15.02
C LEU B 293 10.52 21.65 -14.39
N PHE B 294 10.82 21.29 -13.14
CA PHE B 294 12.05 21.69 -12.47
C PHE B 294 13.15 20.65 -12.56
N VAL B 295 12.84 19.43 -13.02
CA VAL B 295 13.81 18.34 -13.03
C VAL B 295 15.01 18.69 -13.91
N THR B 296 14.76 19.32 -15.05
CA THR B 296 15.83 19.68 -15.98
C THR B 296 16.28 21.13 -15.86
N GLY B 297 15.52 21.97 -15.19
CA GLY B 297 15.78 23.40 -15.30
C GLY B 297 14.56 23.98 -15.99
N ILE B 298 13.95 24.98 -15.35
CA ILE B 298 12.67 25.50 -15.80
C ILE B 298 12.91 26.66 -16.76
N SER B 299 12.18 26.65 -17.87
CA SER B 299 12.22 27.77 -18.80
C SER B 299 11.70 29.02 -18.11
N PHE B 300 12.41 30.14 -18.29
CA PHE B 300 12.02 31.38 -17.60
C PHE B 300 10.62 31.84 -17.93
N LYS B 301 10.01 31.34 -19.02
CA LYS B 301 8.62 31.68 -19.30
C LYS B 301 7.67 30.87 -18.43
N ALA B 302 7.80 29.54 -18.47
CA ALA B 302 6.92 28.69 -17.68
C ALA B 302 7.07 28.94 -16.18
N TYR B 303 8.23 29.44 -15.75
CA TYR B 303 8.42 29.82 -14.36
C TYR B 303 7.49 30.97 -13.97
N ALA B 304 7.40 32.00 -14.82
CA ALA B 304 6.61 33.17 -14.47
C ALA B 304 5.12 32.89 -14.43
N GLU B 305 4.62 32.03 -15.33
CA GLU B 305 3.19 31.71 -15.34
C GLU B 305 2.77 30.98 -14.07
N LEU B 306 3.68 30.25 -13.43
CA LEU B 306 3.31 29.54 -12.21
C LEU B 306 3.39 30.42 -10.97
N ARG B 307 4.52 31.08 -10.72
CA ARG B 307 4.70 31.76 -9.44
C ARG B 307 3.83 33.00 -9.32
N ASP B 308 3.78 33.82 -10.36
CA ASP B 308 3.02 35.07 -10.31
C ASP B 308 1.66 34.93 -10.99
N SER B 309 1.00 33.82 -10.66
CA SER B 309 -0.41 33.62 -10.86
C SER B 309 -1.08 33.74 -9.51
N ILE B 310 -2.32 34.24 -9.51
CA ILE B 310 -2.96 34.63 -8.25
C ILE B 310 -3.33 33.44 -7.38
N ASP B 311 -3.20 32.21 -7.89
CA ASP B 311 -3.37 31.04 -7.04
C ASP B 311 -2.14 30.74 -6.19
N ARG B 312 -0.98 31.32 -6.53
CA ARG B 312 0.29 31.07 -5.88
C ARG B 312 0.55 29.56 -5.79
N PRO B 313 0.80 28.89 -6.92
CA PRO B 313 1.00 27.43 -6.87
C PRO B 313 2.28 26.98 -6.16
N LEU B 314 3.28 27.84 -5.99
CA LEU B 314 4.49 27.43 -5.31
C LEU B 314 4.43 27.62 -3.81
N TYR B 315 3.35 28.20 -3.28
CA TYR B 315 3.23 28.44 -1.85
C TYR B 315 2.79 27.17 -1.13
N ASN B 316 3.65 26.66 -0.25
CA ASN B 316 3.31 25.52 0.59
C ASN B 316 2.46 26.02 1.74
N ARG B 317 1.14 26.03 1.53
CA ARG B 317 0.23 26.55 2.53
C ARG B 317 0.21 25.70 3.80
N VAL B 318 0.61 24.43 3.70
CA VAL B 318 0.65 23.56 4.87
C VAL B 318 1.78 23.97 5.81
N LEU B 319 2.95 24.32 5.24
CA LEU B 319 4.16 24.53 6.02
C LEU B 319 4.47 26.00 6.27
N ARG B 320 4.32 26.86 5.28
CA ARG B 320 4.66 28.27 5.41
C ARG B 320 3.44 29.18 5.33
N GLY B 321 2.24 28.61 5.36
CA GLY B 321 1.02 29.41 5.42
C GLY B 321 0.59 29.62 6.85
N LEU B 322 0.69 30.86 7.35
CA LEU B 322 0.42 31.18 8.74
C LEU B 322 -0.94 31.86 8.85
N TYR B 323 -1.82 31.28 9.66
CA TYR B 323 -3.18 31.79 9.84
C TYR B 323 -3.54 31.83 11.31
N PRO B 324 -4.28 32.86 11.74
CA PRO B 324 -4.85 32.87 13.08
C PRO B 324 -5.83 31.72 13.25
N PRO B 325 -5.57 30.78 14.17
CA PRO B 325 -6.36 29.55 14.23
C PRO B 325 -7.83 29.76 14.55
N GLY B 326 -8.24 30.95 14.97
CA GLY B 326 -9.65 31.20 15.17
C GLY B 326 -10.25 30.35 16.28
N SER B 327 -11.51 29.97 16.08
CA SER B 327 -12.24 29.21 17.09
C SER B 327 -11.72 27.79 17.28
N THR B 328 -10.85 27.30 16.39
CA THR B 328 -10.36 25.93 16.51
C THR B 328 -9.55 25.70 17.77
N VAL B 329 -8.97 26.74 18.37
CA VAL B 329 -8.18 26.55 19.58
C VAL B 329 -9.04 26.34 20.82
N LYS B 330 -10.35 26.64 20.74
CA LYS B 330 -11.18 26.65 21.93
C LYS B 330 -11.14 25.35 22.73
N PRO B 331 -11.09 24.15 22.11
CA PRO B 331 -10.88 22.95 22.92
C PRO B 331 -9.58 22.97 23.73
N ALA B 332 -8.47 23.37 23.10
CA ALA B 332 -7.19 23.42 23.80
C ALA B 332 -7.20 24.47 24.91
N VAL B 333 -7.87 25.60 24.67
CA VAL B 333 -7.98 26.62 25.71
C VAL B 333 -8.82 26.10 26.87
N ALA B 334 -9.86 25.31 26.58
CA ALA B 334 -10.70 24.75 27.63
C ALA B 334 -9.90 23.86 28.57
N LEU B 335 -9.00 23.04 28.02
CA LEU B 335 -8.16 22.21 28.89
C LEU B 335 -7.19 23.03 29.70
N ALA B 336 -6.76 24.19 29.18
CA ALA B 336 -5.87 25.07 29.95
C ALA B 336 -6.59 25.60 31.18
N GLY B 337 -7.86 25.99 31.04
CA GLY B 337 -8.61 26.47 32.18
C GLY B 337 -9.02 25.37 33.14
N LEU B 338 -9.41 24.21 32.59
CA LEU B 338 -9.85 23.10 33.44
C LEU B 338 -8.74 22.60 34.35
N ASP B 339 -7.50 22.57 33.85
CA ASP B 339 -6.39 22.06 34.66
C ASP B 339 -6.05 23.02 35.79
N ALA B 340 -5.98 24.33 35.50
CA ALA B 340 -5.62 25.30 36.51
C ALA B 340 -6.66 25.41 37.62
N GLY B 341 -7.91 25.04 37.36
CA GLY B 341 -8.97 25.16 38.32
C GLY B 341 -9.76 26.44 38.24
N VAL B 342 -9.44 27.32 37.29
CA VAL B 342 -10.21 28.55 37.13
C VAL B 342 -11.59 28.28 36.57
N VAL B 343 -11.77 27.15 35.88
CA VAL B 343 -13.05 26.78 35.29
C VAL B 343 -13.27 25.29 35.48
N THR B 344 -14.49 24.90 35.82
CA THR B 344 -14.89 23.53 36.02
C THR B 344 -15.91 23.11 34.96
N PRO B 345 -16.06 21.81 34.71
CA PRO B 345 -17.00 21.37 33.64
C PRO B 345 -18.43 21.81 33.87
N THR B 346 -18.81 22.17 35.10
CA THR B 346 -20.18 22.58 35.39
C THR B 346 -20.33 24.09 35.56
N SER B 347 -19.24 24.82 35.72
CA SER B 347 -19.34 26.27 35.91
C SER B 347 -20.01 26.93 34.72
N ARG B 348 -21.02 27.74 34.99
CA ARG B 348 -21.82 28.39 33.96
C ARG B 348 -21.41 29.84 33.83
N VAL B 349 -21.74 30.42 32.67
CA VAL B 349 -21.40 31.81 32.36
C VAL B 349 -22.55 32.41 31.58
N PHE B 350 -23.11 33.52 32.08
CA PHE B 350 -24.13 34.24 31.34
C PHE B 350 -23.47 35.09 30.26
N ASP B 351 -23.93 34.92 29.03
CA ASP B 351 -23.37 35.63 27.88
C ASP B 351 -24.33 36.72 27.42
N PRO B 352 -24.11 37.98 27.78
CA PRO B 352 -24.94 39.07 27.24
C PRO B 352 -24.52 39.52 25.85
N GLY B 353 -23.57 38.85 25.23
CA GLY B 353 -23.03 39.25 23.94
C GLY B 353 -21.68 39.94 23.99
N TYR B 354 -21.08 40.06 25.18
CA TYR B 354 -19.81 40.77 25.33
C TYR B 354 -19.23 40.42 26.69
N TYR B 355 -17.98 40.82 26.89
CA TYR B 355 -17.29 40.67 28.16
C TYR B 355 -16.52 41.94 28.45
N GLN B 356 -16.61 42.43 29.68
CA GLN B 356 -15.94 43.65 30.10
C GLN B 356 -15.06 43.37 31.32
N LEU B 357 -13.84 43.92 31.30
CA LEU B 357 -12.97 43.82 32.45
C LEU B 357 -13.49 44.71 33.59
N PRO B 358 -13.24 44.31 34.85
CA PRO B 358 -13.85 45.00 36.00
C PRO B 358 -13.43 46.46 36.17
N ASN B 359 -13.15 47.15 35.07
CA ASN B 359 -12.73 48.54 35.10
C ASN B 359 -13.19 49.27 33.85
N TYR B 360 -12.82 48.74 32.69
CA TYR B 360 -13.07 49.38 31.41
C TYR B 360 -14.47 49.03 30.92
N ASP B 361 -15.09 49.97 30.20
CA ASP B 361 -16.40 49.75 29.61
C ASP B 361 -16.36 49.19 28.20
N HIS B 362 -15.17 48.98 27.63
CA HIS B 362 -15.09 48.43 26.29
C HIS B 362 -15.60 47.00 26.29
N LYS B 363 -16.37 46.66 25.27
CA LYS B 363 -16.99 45.35 25.18
C LYS B 363 -16.23 44.51 24.16
N TYR B 364 -15.83 43.31 24.58
CA TYR B 364 -15.22 42.33 23.69
C TYR B 364 -16.35 41.46 23.17
N ARG B 365 -16.63 41.60 21.88
CA ARG B 365 -17.96 41.37 21.36
C ARG B 365 -18.15 39.91 20.96
N ASN B 366 -19.37 39.39 21.14
CA ASN B 366 -19.60 37.99 20.81
C ASN B 366 -19.89 37.87 19.32
N TRP B 367 -19.60 36.70 18.75
CA TRP B 367 -19.92 36.50 17.34
C TRP B 367 -21.42 36.53 17.09
N ASN B 368 -22.22 36.26 18.12
CA ASN B 368 -23.65 36.52 18.14
C ASN B 368 -23.87 37.80 18.92
N ARG B 369 -24.35 38.84 18.25
CA ARG B 369 -24.31 40.19 18.80
C ARG B 369 -24.96 40.29 20.18
N TYR B 370 -26.09 39.63 20.38
CA TYR B 370 -26.86 39.78 21.61
C TYR B 370 -26.63 38.65 22.63
N GLY B 371 -25.76 37.69 22.33
CA GLY B 371 -25.39 36.70 23.30
C GLY B 371 -26.20 35.41 23.19
N ASP B 372 -25.67 34.35 23.80
CA ASP B 372 -26.27 33.03 23.81
C ASP B 372 -26.91 32.66 25.13
N GLY B 373 -26.95 33.58 26.10
CA GLY B 373 -27.49 33.24 27.41
C GLY B 373 -26.48 32.50 28.28
N TRP B 374 -27.00 31.63 29.14
CA TRP B 374 -26.14 30.82 29.99
C TRP B 374 -25.40 29.76 29.16
N VAL B 375 -24.08 29.71 29.32
CA VAL B 375 -23.24 28.75 28.60
C VAL B 375 -22.36 28.02 29.61
N SER B 376 -22.16 26.73 29.38
CA SER B 376 -21.24 25.90 30.15
C SER B 376 -20.10 25.45 29.24
N LEU B 377 -19.27 24.54 29.75
CA LEU B 377 -18.12 24.08 28.97
C LEU B 377 -18.55 23.45 27.66
N GLU B 378 -19.49 22.50 27.72
CA GLU B 378 -19.90 21.80 26.50
C GLU B 378 -20.70 22.70 25.57
N SER B 379 -21.67 23.43 26.11
CA SER B 379 -22.43 24.37 25.29
C SER B 379 -21.53 25.38 24.61
N ALA B 380 -20.48 25.82 25.29
CA ALA B 380 -19.56 26.79 24.69
C ALA B 380 -18.81 26.18 23.50
N ILE B 381 -18.63 24.86 23.50
CA ILE B 381 -17.85 24.23 22.43
C ILE B 381 -18.71 24.00 21.19
N TYR B 382 -19.87 23.35 21.36
CA TYR B 382 -20.70 23.07 20.20
C TYR B 382 -21.48 24.28 19.71
N ARG B 383 -21.44 25.39 20.44
CA ARG B 383 -21.95 26.66 19.96
C ARG B 383 -20.86 27.66 19.62
N SER B 384 -19.60 27.32 19.88
CA SER B 384 -18.44 28.21 19.72
C SER B 384 -18.75 29.60 20.27
N ASN B 385 -19.01 29.64 21.57
CA ASN B 385 -19.27 30.89 22.27
C ASN B 385 -17.95 31.59 22.61
N ASP B 386 -17.89 32.90 22.36
CA ASP B 386 -16.69 33.68 22.65
C ASP B 386 -16.63 34.16 24.09
N THR B 387 -17.77 34.48 24.69
CA THR B 387 -17.78 35.04 26.05
C THR B 387 -17.27 34.04 27.06
N TYR B 388 -17.60 32.75 26.88
CA TYR B 388 -17.10 31.72 27.79
C TYR B 388 -15.58 31.71 27.82
N PHE B 389 -14.95 31.80 26.64
CA PHE B 389 -13.49 31.81 26.56
C PHE B 389 -12.89 33.20 26.78
N TYR B 390 -13.65 34.26 26.53
CA TYR B 390 -13.28 35.57 27.03
C TYR B 390 -13.14 35.55 28.55
N ASP B 391 -14.14 34.98 29.23
CA ASP B 391 -14.11 34.90 30.69
C ASP B 391 -13.05 33.93 31.17
N LEU B 392 -12.86 32.82 30.47
CA LEU B 392 -11.87 31.83 30.87
C LEU B 392 -10.45 32.38 30.75
N ALA B 393 -10.16 33.06 29.63
CA ALA B 393 -8.81 33.59 29.43
C ALA B 393 -8.45 34.65 30.47
N HIS B 394 -9.44 35.41 30.95
CA HIS B 394 -9.16 36.45 31.95
C HIS B 394 -8.70 35.84 33.26
N LYS B 395 -9.48 34.91 33.82
CA LYS B 395 -9.16 34.31 35.11
C LYS B 395 -7.92 33.43 35.06
N LEU B 396 -7.40 33.12 33.87
CA LEU B 396 -6.23 32.26 33.73
C LEU B 396 -4.93 33.04 33.58
N GLY B 397 -4.93 34.16 32.89
CA GLY B 397 -3.67 34.89 32.76
C GLY B 397 -2.91 34.48 31.51
N ILE B 398 -2.18 35.46 30.96
CA ILE B 398 -1.46 35.24 29.72
C ILE B 398 -0.23 34.37 29.95
N ASP B 399 0.29 34.35 31.19
CA ASP B 399 1.45 33.51 31.47
C ASP B 399 1.12 32.02 31.38
N ARG B 400 0.01 31.54 31.98
CA ARG B 400 -0.16 30.09 31.85
C ARG B 400 -1.07 29.71 30.68
N LEU B 401 -1.59 30.68 29.96
CA LEU B 401 -2.34 30.32 28.76
C LEU B 401 -1.37 29.99 27.63
N HIS B 402 -0.47 30.92 27.33
CA HIS B 402 0.56 30.68 26.32
C HIS B 402 1.39 29.45 26.65
N ALA B 403 1.62 29.20 27.95
CA ALA B 403 2.41 28.04 28.34
C ALA B 403 1.70 26.73 27.99
N PHE B 404 0.37 26.69 28.13
CA PHE B 404 -0.36 25.48 27.79
C PHE B 404 -0.41 25.29 26.29
N MET B 405 -0.69 26.36 25.54
CA MET B 405 -0.66 26.26 24.08
C MET B 405 0.75 26.01 23.56
N SER B 406 1.77 26.28 24.39
CA SER B 406 3.14 25.94 24.02
C SER B 406 3.35 24.43 24.08
N ARG B 407 2.85 23.77 25.12
CA ARG B 407 2.96 22.32 25.24
C ARG B 407 2.17 21.59 24.15
N PHE B 408 1.25 22.27 23.47
CA PHE B 408 0.50 21.68 22.37
C PHE B 408 1.18 21.85 21.02
N GLY B 409 2.32 22.53 20.98
CA GLY B 409 3.07 22.69 19.75
C GLY B 409 2.93 24.03 19.06
N PHE B 410 2.27 25.00 19.68
CA PHE B 410 2.21 26.34 19.14
C PHE B 410 3.42 27.13 19.64
N GLY B 411 4.11 27.81 18.73
CA GLY B 411 5.31 28.52 19.09
C GLY B 411 6.50 28.00 18.32
N GLN B 412 6.82 26.72 18.53
CA GLN B 412 7.84 26.04 17.74
C GLN B 412 7.15 25.05 16.81
N LYS B 413 7.89 24.54 15.84
CA LYS B 413 7.31 23.63 14.87
C LYS B 413 7.28 22.21 15.40
N VAL B 414 6.41 21.40 14.79
CA VAL B 414 6.05 20.09 15.32
C VAL B 414 6.71 18.96 14.56
N ALA B 415 6.82 19.08 13.24
CA ALA B 415 7.16 17.95 12.39
C ALA B 415 8.60 17.52 12.56
N LEU B 416 8.87 16.29 12.11
CA LEU B 416 10.19 15.67 12.14
C LEU B 416 11.01 16.02 10.90
N ASP B 417 10.41 15.94 9.71
CA ASP B 417 11.13 16.06 8.45
C ASP B 417 10.33 16.88 7.44
N MET B 418 10.03 18.13 7.79
CA MET B 418 9.31 19.05 6.92
C MET B 418 10.21 20.25 6.68
N PHE B 419 10.59 20.47 5.42
CA PHE B 419 11.58 21.48 5.08
C PHE B 419 10.98 22.88 5.19
N GLY B 420 11.59 23.73 6.02
CA GLY B 420 11.20 25.12 6.06
C GLY B 420 9.86 25.40 6.69
N GLU B 421 9.45 24.59 7.66
CA GLU B 421 8.18 24.85 8.32
C GLU B 421 8.29 26.08 9.21
N ALA B 422 7.38 27.02 9.02
CA ALA B 422 7.39 28.23 9.83
C ALA B 422 6.97 27.90 11.26
N ASP B 423 7.65 28.51 12.21
CA ASP B 423 7.41 28.17 13.61
C ASP B 423 6.04 28.66 14.08
N GLY B 424 5.53 29.72 13.48
CA GLY B 424 4.33 30.35 14.00
C GLY B 424 4.65 31.23 15.19
N LEU B 425 3.60 31.80 15.77
CA LEU B 425 3.76 32.70 16.92
C LEU B 425 2.65 32.44 17.93
N MET B 426 3.06 32.16 19.17
CA MET B 426 2.15 32.13 20.30
C MET B 426 2.57 33.25 21.24
N PRO B 427 1.91 34.41 21.18
CA PRO B 427 2.45 35.60 21.86
C PRO B 427 2.49 35.43 23.38
N SER B 428 3.47 36.07 23.99
CA SER B 428 3.67 36.03 25.43
C SER B 428 3.93 37.44 25.96
N ARG B 429 3.98 37.57 27.28
CA ARG B 429 4.37 38.85 27.86
C ARG B 429 5.86 39.09 27.68
N GLU B 430 6.67 38.02 27.73
CA GLU B 430 8.10 38.16 27.50
C GLU B 430 8.37 38.45 26.03
N TRP B 431 7.56 37.87 25.14
CA TRP B 431 7.70 38.17 23.71
C TRP B 431 7.40 39.64 23.43
N LYS B 432 6.34 40.17 24.03
CA LYS B 432 5.98 41.56 23.80
C LYS B 432 7.01 42.52 24.39
N ARG B 433 7.70 42.10 25.46
CA ARG B 433 8.83 42.87 25.95
C ARG B 433 9.96 42.88 24.94
N LYS B 434 10.19 41.74 24.27
CA LYS B 434 11.13 41.70 23.16
C LYS B 434 10.63 42.54 22.00
N THR B 435 9.46 42.20 21.46
CA THR B 435 8.94 42.79 20.23
C THR B 435 8.64 44.27 20.36
N ARG B 436 7.66 44.63 21.19
CA ARG B 436 7.14 45.99 21.24
C ARG B 436 7.65 46.82 22.41
N ARG B 437 8.30 46.19 23.40
CA ARG B 437 8.77 46.86 24.61
C ARG B 437 7.63 47.61 25.28
N GLN B 438 6.59 46.85 25.64
CA GLN B 438 5.47 47.38 26.40
C GLN B 438 4.78 46.25 27.13
N VAL B 439 4.16 46.58 28.26
CA VAL B 439 3.53 45.57 29.11
C VAL B 439 2.30 44.99 28.40
N TRP B 440 1.97 43.75 28.80
CA TRP B 440 0.83 43.04 28.22
C TRP B 440 -0.47 43.55 28.83
N TYR B 441 -1.44 43.88 27.97
CA TYR B 441 -2.73 44.34 28.46
C TYR B 441 -3.66 43.15 28.71
N PRO B 442 -4.40 43.16 29.82
CA PRO B 442 -5.32 42.04 30.09
C PRO B 442 -6.34 41.83 29.00
N GLY B 443 -6.68 42.87 28.22
CA GLY B 443 -7.56 42.70 27.08
C GLY B 443 -6.94 41.93 25.94
N GLU B 444 -5.61 41.88 25.87
CA GLU B 444 -4.93 41.12 24.83
C GLU B 444 -4.96 39.63 25.08
N THR B 445 -5.20 39.20 26.33
CA THR B 445 -5.34 37.78 26.62
C THR B 445 -6.69 37.24 26.18
N LEU B 446 -7.72 38.09 26.22
CA LEU B 446 -9.06 37.64 25.83
C LEU B 446 -9.14 37.38 24.34
N ILE B 447 -8.48 38.20 23.54
CA ILE B 447 -8.46 37.99 22.09
C ILE B 447 -7.77 36.67 21.74
N LEU B 448 -6.83 36.23 22.59
CA LEU B 448 -6.18 34.95 22.36
C LEU B 448 -7.09 33.78 22.69
N GLY B 449 -8.02 33.97 23.64
CA GLY B 449 -8.94 32.91 24.03
C GLY B 449 -9.81 32.40 22.90
N ILE B 450 -10.00 33.19 21.85
CA ILE B 450 -10.76 32.78 20.69
C ILE B 450 -9.87 32.66 19.45
N GLY B 451 -8.56 32.58 19.65
CA GLY B 451 -7.65 32.32 18.55
C GLY B 451 -7.38 33.50 17.64
N GLN B 452 -7.16 34.68 18.19
CA GLN B 452 -6.84 35.85 17.39
C GLN B 452 -5.63 36.57 17.95
N GLY B 453 -5.53 37.88 17.73
CA GLY B 453 -4.37 38.63 18.17
C GLY B 453 -3.16 38.40 17.30
N TYR B 454 -1.98 38.28 17.90
CA TYR B 454 -0.75 38.02 17.16
C TYR B 454 -0.51 36.53 16.90
N MET B 455 -1.44 35.66 17.31
CA MET B 455 -1.21 34.23 17.21
C MET B 455 -1.17 33.78 15.76
N GLN B 456 -0.14 33.00 15.42
CA GLN B 456 0.04 32.45 14.09
C GLN B 456 0.15 30.94 14.18
N ALA B 457 -0.51 30.22 13.27
CA ALA B 457 -0.54 28.77 13.30
C ALA B 457 -0.53 28.21 11.89
N THR B 458 0.30 27.18 11.68
CA THR B 458 0.34 26.46 10.43
C THR B 458 -0.71 25.36 10.41
N PRO B 459 -1.25 25.01 9.23
CA PRO B 459 -2.31 23.99 9.18
C PRO B 459 -1.90 22.63 9.73
N ILE B 460 -0.61 22.34 9.88
CA ILE B 460 -0.21 21.10 10.53
C ILE B 460 -0.13 21.25 12.05
N GLN B 461 0.30 22.42 12.54
CA GLN B 461 0.27 22.68 13.97
C GLN B 461 -1.14 22.48 14.52
N LEU B 462 -2.16 22.84 13.72
CA LEU B 462 -3.53 22.58 14.11
C LEU B 462 -3.83 21.08 14.10
N ALA B 463 -3.41 20.39 13.03
CA ALA B 463 -3.66 18.95 12.94
C ALA B 463 -2.92 18.19 14.03
N GLN B 464 -1.73 18.65 14.42
CA GLN B 464 -1.02 18.00 15.52
C GLN B 464 -1.75 18.22 16.84
N MET B 465 -2.34 19.41 17.03
CA MET B 465 -3.18 19.63 18.19
C MET B 465 -4.40 18.72 18.18
N THR B 466 -4.97 18.50 17.00
CA THR B 466 -6.13 17.60 16.89
C THR B 466 -5.74 16.16 17.20
N ALA B 467 -4.60 15.70 16.66
CA ALA B 467 -4.12 14.38 17.02
C ALA B 467 -3.78 14.29 18.50
N LEU B 468 -3.33 15.39 19.09
CA LEU B 468 -3.06 15.42 20.51
C LEU B 468 -4.33 15.27 21.32
N LEU B 469 -5.41 15.95 20.91
CA LEU B 469 -6.70 15.77 21.57
C LEU B 469 -7.23 14.37 21.37
N ALA B 470 -6.92 13.74 20.22
CA ALA B 470 -7.31 12.36 20.00
C ALA B 470 -6.44 11.40 20.81
N ASN B 471 -5.17 11.76 21.02
CA ASN B 471 -4.22 10.88 21.69
C ASN B 471 -4.21 11.07 23.20
N LYS B 472 -5.06 11.95 23.74
CA LYS B 472 -5.11 12.25 25.16
C LYS B 472 -3.76 12.74 25.68
N GLY B 473 -3.02 13.46 24.83
CA GLY B 473 -1.78 14.09 25.23
C GLY B 473 -0.50 13.34 24.90
N HIS B 474 -0.59 12.20 24.24
CA HIS B 474 0.61 11.45 23.88
C HIS B 474 1.33 12.13 22.71
N TRP B 475 2.55 12.60 22.96
CA TRP B 475 3.29 13.42 22.01
C TRP B 475 4.22 12.56 21.16
N ILE B 476 3.91 12.45 19.86
CA ILE B 476 4.84 11.91 18.88
C ILE B 476 4.80 12.80 17.65
N ARG B 477 5.97 13.28 17.22
CA ARG B 477 6.03 14.26 16.15
C ARG B 477 5.57 13.66 14.83
N PRO B 478 4.85 14.42 14.01
CA PRO B 478 4.52 13.94 12.67
C PRO B 478 5.77 13.74 11.82
N HIS B 479 5.67 12.80 10.88
CA HIS B 479 6.80 12.51 10.00
C HIS B 479 6.29 11.90 8.71
N LEU B 480 6.89 12.33 7.59
CA LEU B 480 6.55 11.74 6.30
C LEU B 480 7.30 10.44 6.08
N ALA B 481 8.63 10.48 6.18
CA ALA B 481 9.46 9.31 5.96
C ALA B 481 9.13 8.20 6.95
N LYS B 482 8.42 7.17 6.48
CA LYS B 482 8.13 6.02 7.34
C LYS B 482 9.38 5.20 7.60
N THR B 483 10.11 4.85 6.54
CA THR B 483 11.38 4.13 6.67
C THR B 483 12.38 4.72 5.70
N ILE B 484 13.65 4.71 6.10
CA ILE B 484 14.78 5.03 5.24
C ILE B 484 15.72 3.85 5.25
N ASP B 485 15.89 3.21 4.08
CA ASP B 485 16.70 2.00 3.94
C ASP B 485 16.19 0.85 4.79
N GLY B 486 14.92 0.87 5.17
CA GLY B 486 14.33 -0.20 5.94
C GLY B 486 14.24 0.05 7.43
N GLN B 487 14.63 1.23 7.91
CA GLN B 487 14.57 1.52 9.33
C GLN B 487 13.81 2.83 9.56
N PRO B 488 12.92 2.86 10.56
CA PRO B 488 12.18 4.09 10.82
C PRO B 488 13.07 5.13 11.46
N PRO B 489 12.86 6.41 11.16
CA PRO B 489 13.65 7.46 11.80
C PRO B 489 13.27 7.63 13.26
N VAL B 490 14.22 8.10 14.05
CA VAL B 490 14.05 8.29 15.49
C VAL B 490 14.05 9.77 15.80
N ASP B 491 13.11 10.21 16.61
CA ASP B 491 13.05 11.60 17.05
C ASP B 491 14.15 11.85 18.07
N PRO B 492 15.15 12.66 17.76
CA PRO B 492 16.25 12.86 18.73
C PRO B 492 15.83 13.63 19.98
N ASP B 493 14.89 14.57 19.85
CA ASP B 493 14.39 15.35 20.98
C ASP B 493 12.88 15.19 21.04
N PRO B 494 12.38 14.25 21.84
CA PRO B 494 10.92 14.06 21.93
C PRO B 494 10.26 15.24 22.63
N MET B 495 8.93 15.22 22.61
CA MET B 495 8.19 16.23 23.33
C MET B 495 7.47 15.61 24.52
N PRO B 496 7.46 16.29 25.67
CA PRO B 496 6.78 15.72 26.84
C PRO B 496 5.28 15.65 26.63
N ASP B 497 4.68 14.56 27.11
CA ASP B 497 3.24 14.41 27.03
C ASP B 497 2.55 15.45 27.93
N ILE B 498 1.27 15.69 27.63
CA ILE B 498 0.47 16.62 28.40
C ILE B 498 -0.27 15.82 29.46
N VAL B 499 0.18 15.92 30.71
CA VAL B 499 -0.36 15.14 31.81
C VAL B 499 -1.28 16.06 32.61
N LEU B 500 -2.59 15.90 32.43
CA LEU B 500 -3.56 16.67 33.18
C LEU B 500 -3.67 16.12 34.60
N ARG B 501 -3.97 17.01 35.55
CA ARG B 501 -4.21 16.57 36.92
C ARG B 501 -5.54 15.84 37.07
N ASP B 502 -6.40 15.90 36.05
CA ASP B 502 -7.60 15.07 35.97
C ASP B 502 -7.74 14.62 34.53
N PRO B 503 -7.25 13.42 34.19
CA PRO B 503 -7.26 12.98 32.79
C PRO B 503 -8.65 12.84 32.19
N ALA B 504 -9.69 12.76 33.02
CA ALA B 504 -11.06 12.71 32.50
C ALA B 504 -11.46 14.02 31.81
N ASN B 505 -10.71 15.09 32.02
CA ASN B 505 -11.01 16.36 31.33
C ASN B 505 -10.84 16.24 29.83
N TRP B 506 -9.95 15.34 29.37
CA TRP B 506 -9.80 15.11 27.94
C TRP B 506 -11.13 14.71 27.30
N ASP B 507 -11.77 13.68 27.86
CA ASP B 507 -13.02 13.16 27.28
C ASP B 507 -14.18 14.12 27.43
N ARG B 508 -14.12 15.05 28.40
CA ARG B 508 -15.22 16.01 28.53
C ARG B 508 -15.18 17.03 27.41
N VAL B 509 -13.98 17.53 27.09
CA VAL B 509 -13.82 18.40 25.93
C VAL B 509 -14.03 17.61 24.64
N ASP B 510 -13.57 16.35 24.62
CA ASP B 510 -13.82 15.50 23.46
C ASP B 510 -15.30 15.32 23.21
N TYR B 511 -16.09 15.18 24.28
CA TYR B 511 -17.54 15.07 24.12
C TYR B 511 -18.13 16.38 23.60
N GLY B 512 -17.56 17.52 23.98
CA GLY B 512 -17.98 18.79 23.41
C GLY B 512 -17.67 18.90 21.93
N MET B 513 -16.46 18.51 21.54
CA MET B 513 -16.11 18.43 20.13
C MET B 513 -16.99 17.42 19.41
N GLN B 514 -17.41 16.37 20.11
CA GLN B 514 -18.30 15.37 19.50
C GLN B 514 -19.66 15.98 19.21
N GLN B 515 -20.14 16.86 20.08
CA GLN B 515 -21.44 17.51 19.88
C GLN B 515 -21.40 18.59 18.82
N VAL B 516 -20.22 18.99 18.35
CA VAL B 516 -20.13 19.93 17.23
C VAL B 516 -20.76 19.31 15.98
N VAL B 517 -20.52 18.03 15.76
CA VAL B 517 -20.90 17.37 14.51
C VAL B 517 -22.16 16.54 14.71
N HIS B 518 -22.35 16.02 15.92
CA HIS B 518 -23.48 15.13 16.20
C HIS B 518 -24.48 15.68 17.20
N GLY B 519 -24.15 16.75 17.92
CA GLY B 519 -25.07 17.29 18.91
C GLY B 519 -26.31 17.89 18.28
N ALA B 520 -27.38 17.94 19.09
CA ALA B 520 -28.63 18.51 18.61
C ALA B 520 -28.51 19.99 18.32
N ARG B 521 -27.52 20.67 18.91
CA ARG B 521 -27.30 22.09 18.67
C ARG B 521 -25.86 22.37 18.26
N GLY B 522 -25.20 21.41 17.62
CA GLY B 522 -23.84 21.63 17.16
C GLY B 522 -23.77 22.51 15.93
N THR B 523 -22.66 23.22 15.80
CA THR B 523 -22.46 24.10 14.65
C THR B 523 -22.38 23.32 13.34
N ALA B 524 -21.77 22.14 13.38
CA ALA B 524 -21.58 21.31 12.18
C ALA B 524 -22.41 20.04 12.24
N ARG B 525 -23.64 20.15 12.76
CA ARG B 525 -24.51 18.98 12.87
C ARG B 525 -24.92 18.43 11.51
N LYS B 526 -24.91 19.25 10.46
CA LYS B 526 -25.27 18.75 9.13
C LYS B 526 -24.28 17.71 8.63
N VAL B 527 -23.02 17.79 9.04
CA VAL B 527 -22.03 16.81 8.61
C VAL B 527 -22.27 15.46 9.25
N GLY B 528 -22.70 15.45 10.52
CA GLY B 528 -22.88 14.19 11.23
C GLY B 528 -24.08 13.39 10.78
N ALA B 529 -25.10 14.04 10.21
CA ALA B 529 -26.26 13.30 9.72
C ALA B 529 -25.91 12.39 8.54
N THR B 530 -24.84 12.68 7.81
CA THR B 530 -24.43 11.90 6.66
C THR B 530 -23.22 11.02 6.94
N SER B 531 -22.95 10.74 8.22
CA SER B 531 -21.76 10.01 8.63
C SER B 531 -22.12 8.65 9.19
N ALA B 532 -21.23 7.68 8.99
CA ALA B 532 -21.36 6.35 9.55
C ALA B 532 -20.50 6.13 10.80
N TYR B 533 -19.81 7.18 11.26
CA TYR B 533 -18.93 7.07 12.42
C TYR B 533 -18.94 8.40 13.15
N LEU B 534 -18.57 8.34 14.44
CA LEU B 534 -18.55 9.54 15.26
C LEU B 534 -17.35 10.41 14.91
N ILE B 535 -17.58 11.71 14.76
CA ILE B 535 -16.54 12.68 14.44
C ILE B 535 -16.48 13.69 15.58
N ALA B 536 -15.30 13.84 16.17
CA ALA B 536 -15.04 14.82 17.22
C ALA B 536 -14.22 15.95 16.61
N GLY B 537 -14.89 17.03 16.20
CA GLY B 537 -14.24 18.12 15.50
C GLY B 537 -14.54 19.48 16.11
N LYS B 538 -13.99 20.50 15.46
CA LYS B 538 -14.20 21.88 15.87
C LYS B 538 -13.91 22.80 14.69
N SER B 539 -14.83 23.72 14.43
CA SER B 539 -14.70 24.70 13.36
C SER B 539 -14.13 26.01 13.89
N GLY B 540 -13.64 26.83 12.97
CA GLY B 540 -13.15 28.15 13.32
C GLY B 540 -13.05 29.01 12.07
N THR B 541 -12.59 30.26 12.28
CA THR B 541 -12.41 31.20 11.17
C THR B 541 -11.07 31.90 11.29
N ALA B 542 -10.40 32.05 10.15
CA ALA B 542 -9.22 32.91 9.99
C ALA B 542 -9.67 34.11 9.17
N GLN B 543 -10.12 35.16 9.86
CA GLN B 543 -10.74 36.29 9.19
C GLN B 543 -9.76 37.41 8.82
N VAL B 544 -8.49 37.08 8.67
CA VAL B 544 -7.51 38.05 8.19
C VAL B 544 -7.58 38.15 6.67
N HIS B 562 -10.77 40.73 0.99
CA HIS B 562 -11.45 39.50 0.63
C HIS B 562 -12.04 38.82 1.86
N ARG B 563 -12.74 37.72 1.63
CA ARG B 563 -13.50 37.02 2.67
C ARG B 563 -12.53 36.29 3.61
N ASP B 564 -13.10 35.49 4.51
CA ASP B 564 -12.34 34.86 5.57
C ASP B 564 -12.14 33.37 5.31
N HIS B 565 -11.04 32.84 5.85
CA HIS B 565 -10.69 31.45 5.64
C HIS B 565 -11.59 30.56 6.51
N ALA B 566 -12.01 29.43 5.94
CA ALA B 566 -12.80 28.46 6.68
C ALA B 566 -11.88 27.43 7.32
N LEU B 567 -12.13 27.11 8.59
CA LEU B 567 -11.31 26.19 9.34
C LEU B 567 -12.17 25.12 9.98
N PHE B 568 -11.64 23.90 10.04
CA PHE B 568 -12.28 22.81 10.75
C PHE B 568 -11.23 21.75 11.06
N VAL B 569 -11.10 21.40 12.33
CA VAL B 569 -10.26 20.30 12.75
C VAL B 569 -11.15 19.17 13.24
N GLY B 570 -10.57 17.99 13.40
CA GLY B 570 -11.33 16.86 13.89
C GLY B 570 -10.65 15.52 13.75
N PHE B 571 -10.99 14.58 14.64
CA PHE B 571 -10.53 13.22 14.55
C PHE B 571 -11.71 12.27 14.56
N ALA B 572 -11.52 11.08 13.99
CA ALA B 572 -12.59 10.11 13.85
C ALA B 572 -11.97 8.73 13.64
N PRO B 573 -12.64 7.65 14.09
CA PRO B 573 -13.85 7.68 14.93
C PRO B 573 -13.60 8.25 16.32
N ALA B 574 -14.59 8.95 16.88
CA ALA B 574 -14.40 9.63 18.15
C ALA B 574 -14.05 8.66 19.26
N ASN B 575 -14.58 7.44 19.22
CA ASN B 575 -14.31 6.44 20.23
C ASN B 575 -13.07 5.61 19.94
N ASN B 576 -12.55 5.66 18.71
CA ASN B 576 -11.33 4.94 18.33
C ASN B 576 -10.54 5.80 17.35
N PRO B 577 -9.75 6.74 17.84
CA PRO B 577 -9.07 7.70 16.95
C PRO B 577 -8.14 7.00 15.97
N GLN B 578 -8.42 7.18 14.68
CA GLN B 578 -7.58 6.63 13.63
C GLN B 578 -7.01 7.67 12.67
N ILE B 579 -7.60 8.86 12.61
CA ILE B 579 -7.16 9.91 11.70
C ILE B 579 -7.45 11.26 12.35
N ALA B 580 -6.57 12.22 12.14
CA ALA B 580 -6.77 13.60 12.60
C ALA B 580 -6.54 14.53 11.43
N VAL B 581 -7.51 15.41 11.18
CA VAL B 581 -7.51 16.24 9.98
C VAL B 581 -7.65 17.70 10.37
N ALA B 582 -6.90 18.56 9.70
CA ALA B 582 -7.07 20.01 9.77
C ALA B 582 -7.16 20.55 8.37
N VAL B 583 -8.21 21.31 8.08
CA VAL B 583 -8.48 21.80 6.74
C VAL B 583 -8.65 23.31 6.79
N MET B 584 -7.94 24.02 5.91
CA MET B 584 -8.08 25.46 5.74
C MET B 584 -8.43 25.71 4.28
N VAL B 585 -9.64 26.19 4.03
CA VAL B 585 -10.09 26.56 2.70
C VAL B 585 -10.07 28.07 2.59
N GLU B 586 -9.22 28.60 1.71
CA GLU B 586 -9.04 30.04 1.60
C GLU B 586 -10.34 30.73 1.19
N ASN B 587 -10.73 31.73 1.98
CA ASN B 587 -11.91 32.54 1.71
C ASN B 587 -13.18 31.67 1.67
N GLY B 588 -13.27 30.72 2.59
CA GLY B 588 -14.42 29.84 2.67
C GLY B 588 -15.49 30.36 3.62
N GLU B 589 -15.09 31.23 4.55
CA GLU B 589 -15.99 31.87 5.50
C GLU B 589 -16.59 30.86 6.48
N SER B 590 -17.36 29.90 5.98
CA SER B 590 -18.10 28.97 6.82
C SER B 590 -17.21 27.76 7.13
N GLY B 591 -16.65 27.72 8.34
CA GLY B 591 -15.87 26.56 8.74
C GLY B 591 -16.69 25.29 8.81
N SER B 592 -17.92 25.41 9.32
CA SER B 592 -18.85 24.29 9.39
C SER B 592 -19.55 24.02 8.07
N GLY B 593 -19.55 24.98 7.15
CA GLY B 593 -20.32 24.86 5.93
C GLY B 593 -19.49 24.58 4.70
N VAL B 594 -18.21 24.96 4.74
CA VAL B 594 -17.27 24.73 3.64
C VAL B 594 -16.11 23.86 4.07
N ALA B 595 -15.49 24.18 5.22
CA ALA B 595 -14.34 23.40 5.67
C ALA B 595 -14.76 22.07 6.27
N ALA B 596 -15.93 22.00 6.91
CA ALA B 596 -16.34 20.76 7.57
C ALA B 596 -16.67 19.64 6.58
N PRO B 597 -17.45 19.86 5.51
CA PRO B 597 -17.69 18.76 4.58
C PRO B 597 -16.43 18.21 3.94
N VAL B 598 -15.36 19.01 3.88
CA VAL B 598 -14.09 18.53 3.36
C VAL B 598 -13.43 17.56 4.34
N VAL B 599 -13.50 17.87 5.64
CA VAL B 599 -12.90 17.03 6.66
C VAL B 599 -13.45 15.60 6.59
N LYS B 600 -14.77 15.45 6.51
CA LYS B 600 -15.35 14.12 6.50
C LYS B 600 -15.03 13.37 5.21
N GLN B 601 -14.82 14.10 4.10
CA GLN B 601 -14.46 13.44 2.85
C GLN B 601 -13.07 12.82 2.95
N VAL B 602 -12.12 13.52 3.56
CA VAL B 602 -10.82 12.92 3.83
C VAL B 602 -10.96 11.77 4.80
N MET B 603 -11.79 11.95 5.83
CA MET B 603 -12.02 10.88 6.80
C MET B 603 -12.73 9.68 6.17
N ASP B 604 -13.61 9.93 5.19
CA ASP B 604 -14.34 8.83 4.57
C ASP B 604 -13.40 7.88 3.84
N ALA B 605 -12.48 8.43 3.04
CA ALA B 605 -11.59 7.57 2.25
C ALA B 605 -10.70 6.71 3.14
N TRP B 606 -10.37 7.18 4.34
CA TRP B 606 -9.52 6.42 5.24
C TRP B 606 -10.29 5.45 6.12
N LEU B 607 -11.54 5.77 6.45
CA LEU B 607 -12.29 4.99 7.44
C LEU B 607 -13.33 4.06 6.85
N LEU B 608 -13.85 4.34 5.64
CA LEU B 608 -14.93 3.55 5.09
C LEU B 608 -14.38 2.40 4.26
N ASP B 609 -15.03 1.23 4.38
CA ASP B 609 -14.69 0.06 3.58
C ASP B 609 -15.20 0.25 2.15
N GLU B 610 -15.19 -0.82 1.37
CA GLU B 610 -15.57 -0.79 -0.04
C GLU B 610 -17.07 -0.96 -0.24
N HIS B 611 -17.82 -0.95 0.87
CA HIS B 611 -19.25 -1.23 0.93
C HIS B 611 -20.04 -0.13 1.63
N GLY B 612 -19.40 1.01 1.90
CA GLY B 612 -20.03 2.16 2.49
C GLY B 612 -20.08 2.15 4.01
N LYS B 613 -19.64 1.08 4.66
CA LYS B 613 -19.67 0.96 6.10
C LYS B 613 -18.28 1.21 6.70
N LEU B 614 -18.26 1.50 8.00
CA LEU B 614 -16.98 1.64 8.69
C LEU B 614 -16.21 0.33 8.60
N LYS B 615 -14.92 0.42 8.28
CA LYS B 615 -14.11 -0.78 8.07
C LYS B 615 -14.15 -1.68 9.30
N ALA B 616 -14.05 -3.00 9.05
CA ALA B 616 -14.05 -3.95 10.15
C ALA B 616 -12.88 -3.72 11.09
N GLU B 617 -11.72 -3.35 10.54
CA GLU B 617 -10.55 -3.12 11.39
C GLU B 617 -10.83 -2.03 12.42
N TYR B 618 -11.45 -0.93 11.98
CA TYR B 618 -11.67 0.21 12.87
C TYR B 618 -13.02 0.19 13.58
N ALA B 619 -13.99 -0.60 13.10
CA ALA B 619 -15.33 -0.54 13.68
C ALA B 619 -15.40 -1.23 15.03
N GLU B 620 -14.67 -2.34 15.17
CA GLU B 620 -14.82 -3.16 16.37
C GLU B 620 -14.21 -2.50 17.60
N PRO B 621 -12.93 -2.08 17.61
CA PRO B 621 -12.49 -1.52 18.88
C PRO B 621 -12.95 -0.08 19.07
OAF C9D C . 7.88 -35.12 -0.97
SAY C9D C . 7.22 -36.48 -0.89
OAD C9D C . 8.07 -37.52 -1.60
OAE C9D C . 7.19 -36.72 0.61
OAR C9D C . 5.65 -36.45 -1.54
NAQ C9D C . 4.83 -37.31 -0.75
CAU C9D C . 4.39 -38.52 -1.57
CAJ C9D C . 5.18 -38.56 -2.83
CB C9D C . 4.71 -39.59 -3.77
CAM C9D C . 2.89 -38.48 -1.80
N C9D C . 2.49 -38.48 -3.26
CAG C9D C . 1.80 -37.32 -3.81
OAA C9D C . 2.00 -36.98 -4.93
CA C9D C . 3.28 -39.36 -4.21
C C9D C . 2.60 -40.71 -4.36
O C9D C . 3.12 -41.54 -5.02
NAP C9D C . 1.32 -41.01 -3.69
NAO C9D C . 0.77 -42.30 -3.89
CAS C9D C . 0.36 -42.72 -5.22
OAB C9D C . 0.46 -41.99 -6.15
CAV C9D C . -0.22 -44.18 -5.43
CAI C9D C . 0.69 -45.18 -4.63
CAH C9D C . 1.54 -45.94 -5.73
NAN C9D C . 0.77 -45.90 -6.85
CAL C9D C . -0.11 -44.51 -6.75
CL CL D . 9.58 -40.26 5.61
OAF C9D E . -18.11 27.16 11.64
SAY C9D E . -18.59 28.39 12.37
OAD C9D E . -18.97 29.49 11.40
OAE C9D E . -19.81 27.86 13.10
OAR C9D E . -17.42 28.97 13.45
NAQ C9D E . -18.09 29.37 14.67
CAU C9D E . -18.00 30.87 14.86
CAJ C9D E . -17.70 31.52 13.57
CB C9D E . -17.27 32.94 13.71
CAM C9D E . -16.95 31.14 15.94
N C9D E . -15.74 31.93 15.48
CAG C9D E . -14.44 31.28 15.50
OAA C9D E . -13.65 31.52 14.65
CA C9D E . -15.98 33.06 14.51
C C9D E . -16.01 34.35 15.31
O C9D E . -16.62 35.29 14.93
NAP C9D E . -15.27 34.42 16.60
NAO C9D E . -15.32 35.63 17.35
CAS C9D E . -14.76 36.87 16.83
OAB C9D E . -14.25 36.90 15.75
CAV C9D E . -14.85 38.17 17.72
CAI C9D E . -16.35 38.63 17.78
CAH C9D E . -16.39 40.00 16.97
NAN C9D E . -15.14 40.50 17.06
CAL C9D E . -14.13 39.20 17.18
#